data_5ZZ5
#
_entry.id   5ZZ5
#
_cell.length_a   53.577
_cell.length_b   88.464
_cell.length_c   87.967
_cell.angle_alpha   90.000
_cell.angle_beta   96.810
_cell.angle_gamma   90.000
#
_symmetry.space_group_name_H-M   'P 1 21 1'
#
loop_
_entity.id
_entity.type
_entity.pdbx_description
1 polymer 'Redox-sensing transcriptional repressor Rex'
2 non-polymer GLYCEROL
3 water water
#
_entity_poly.entity_id   1
_entity_poly.type   'polypeptide(L)'
_entity_poly.pdbx_seq_one_letter_code
;MAEKIPKPVSKRLVSYYMCLERLLDEGVEVVSSEELARRLDLKASQIRKDLSYFGEFGKRGVGYNVEHLYDAIGEILGVK
KEWKLVVVGAGNIGRAVANYTVMKEKGFRIIGIFDSDPSKIGKEAAPGLTVSDVSELEKFVEEHGVEIGVIAVPAEHAQE
IAERLEKAGIKGILNFAPVKIKVSVPVENIDITASLRVLTFEIVRRNS
;
_entity_poly.pdbx_strand_id   A,B,C,D
#
loop_
_chem_comp.id
_chem_comp.type
_chem_comp.name
_chem_comp.formula
GOL non-polymer GLYCEROL 'C3 H8 O3'
#
# COMPACT_ATOMS: atom_id res chain seq x y z
N VAL A 9 9.47 -23.79 -17.52
CA VAL A 9 9.52 -24.59 -16.29
C VAL A 9 8.09 -24.75 -15.77
N SER A 10 7.87 -25.79 -14.95
CA SER A 10 6.52 -26.17 -14.53
C SER A 10 5.68 -25.02 -13.94
N LYS A 11 6.23 -24.31 -12.96
CA LYS A 11 5.48 -23.27 -12.25
C LYS A 11 4.93 -22.16 -13.16
N ARG A 12 5.76 -21.72 -14.11
CA ARG A 12 5.39 -20.68 -15.07
C ARG A 12 4.28 -21.16 -16.04
N LEU A 13 4.45 -22.36 -16.56
CA LEU A 13 3.46 -22.96 -17.47
C LEU A 13 2.09 -23.05 -16.82
N VAL A 14 2.07 -23.48 -15.57
CA VAL A 14 0.80 -23.59 -14.86
C VAL A 14 0.19 -22.20 -14.65
N SER A 15 1.02 -21.21 -14.38
CA SER A 15 0.53 -19.83 -14.18
C SER A 15 -0.19 -19.33 -15.44
N TYR A 16 0.42 -19.55 -16.58
CA TYR A 16 -0.23 -19.32 -17.86
C TYR A 16 -1.51 -20.13 -17.98
N TYR A 17 -1.42 -21.42 -17.68
CA TYR A 17 -2.57 -22.27 -17.90
C TYR A 17 -3.78 -21.80 -17.08
N MET A 18 -3.55 -21.49 -15.80
CA MET A 18 -4.64 -21.11 -14.92
C MET A 18 -5.24 -19.79 -15.41
N CYS A 19 -4.39 -18.90 -15.89
CA CYS A 19 -4.85 -17.63 -16.38
C CYS A 19 -5.71 -17.78 -17.64
N LEU A 20 -5.17 -18.53 -18.61
CA LEU A 20 -5.82 -18.76 -19.88
C LEU A 20 -7.16 -19.45 -19.70
N GLU A 21 -7.21 -20.35 -18.72
CA GLU A 21 -8.45 -21.07 -18.41
C GLU A 21 -9.52 -20.07 -18.01
N ARG A 22 -9.13 -19.13 -17.15
CA ARG A 22 -10.05 -18.09 -16.67
C ARG A 22 -10.54 -17.23 -17.85
N LEU A 23 -9.60 -16.77 -18.67
CA LEU A 23 -9.90 -15.97 -19.86
C LEU A 23 -10.90 -16.69 -20.77
N LEU A 24 -10.79 -18.00 -20.90
CA LEU A 24 -11.76 -18.75 -21.69
C LEU A 24 -13.14 -18.67 -21.05
N ASP A 25 -13.19 -18.81 -19.73
CA ASP A 25 -14.46 -18.71 -19.01
C ASP A 25 -14.98 -17.28 -19.13
N GLU A 26 -14.07 -16.31 -19.12
CA GLU A 26 -14.43 -14.91 -19.33
C GLU A 26 -14.89 -14.68 -20.78
N GLY A 27 -14.50 -15.56 -21.70
CA GLY A 27 -14.89 -15.46 -23.10
C GLY A 27 -13.90 -14.75 -24.01
N VAL A 28 -12.76 -14.34 -23.45
CA VAL A 28 -11.70 -13.65 -24.20
C VAL A 28 -11.07 -14.55 -25.27
N GLU A 29 -10.99 -14.03 -26.49
CA GLU A 29 -10.41 -14.76 -27.62
C GLU A 29 -8.92 -14.45 -27.82
N VAL A 30 -8.59 -13.16 -27.67
CA VAL A 30 -7.21 -12.71 -27.83
C VAL A 30 -6.80 -11.90 -26.62
N VAL A 31 -5.59 -12.12 -26.12
CA VAL A 31 -5.09 -11.38 -24.98
C VAL A 31 -3.71 -10.84 -25.32
N SER A 32 -3.40 -9.65 -24.83
CA SER A 32 -2.11 -9.01 -25.10
C SER A 32 -1.12 -9.38 -24.02
N SER A 33 0.17 -9.21 -24.31
CA SER A 33 1.21 -9.46 -23.32
C SER A 33 1.02 -8.58 -22.10
N GLU A 34 0.56 -7.36 -22.35
CA GLU A 34 0.35 -6.37 -21.32
C GLU A 34 -0.74 -6.81 -20.34
N GLU A 35 -1.81 -7.39 -20.86
CA GLU A 35 -2.89 -7.86 -19.99
C GLU A 35 -2.41 -9.08 -19.20
N LEU A 36 -1.66 -9.95 -19.86
CA LEU A 36 -1.07 -11.07 -19.15
C LEU A 36 -0.11 -10.56 -18.07
N ALA A 37 0.63 -9.49 -18.37
CA ALA A 37 1.58 -8.93 -17.40
C ALA A 37 0.90 -8.48 -16.12
N ARG A 38 -0.29 -7.87 -16.23
CA ARG A 38 -1.00 -7.36 -15.05
C ARG A 38 -1.52 -8.51 -14.19
N ARG A 39 -2.07 -9.54 -14.83
CA ARG A 39 -2.63 -10.68 -14.11
C ARG A 39 -1.56 -11.59 -13.47
N LEU A 40 -0.43 -11.76 -14.15
CA LEU A 40 0.56 -12.74 -13.71
C LEU A 40 1.74 -12.11 -12.98
N ASP A 41 1.73 -10.77 -12.95
CA ASP A 41 2.80 -9.98 -12.33
C ASP A 41 4.19 -10.34 -12.87
N LEU A 42 4.32 -10.32 -14.19
CA LEU A 42 5.59 -10.56 -14.84
C LEU A 42 5.83 -9.44 -15.86
N LYS A 43 7.07 -9.34 -16.35
CA LYS A 43 7.35 -8.35 -17.40
C LYS A 43 6.66 -8.76 -18.69
N ALA A 44 6.03 -7.81 -19.37
CA ALA A 44 5.41 -8.10 -20.66
C ALA A 44 6.46 -8.68 -21.61
N SER A 45 7.67 -8.16 -21.53
CA SER A 45 8.81 -8.70 -22.27
C SER A 45 9.09 -10.17 -21.90
N GLN A 46 8.95 -10.47 -20.62
CA GLN A 46 9.12 -11.85 -20.14
C GLN A 46 8.01 -12.75 -20.69
N ILE A 47 6.77 -12.25 -20.63
CA ILE A 47 5.66 -13.00 -21.18
C ILE A 47 5.88 -13.27 -22.67
N ARG A 48 6.32 -12.26 -23.42
CA ARG A 48 6.59 -12.44 -24.84
C ARG A 48 7.67 -13.50 -25.08
N LYS A 49 8.75 -13.42 -24.31
CA LYS A 49 9.81 -14.44 -24.35
C LYS A 49 9.30 -15.86 -24.05
N ASP A 50 8.53 -16.01 -22.98
CA ASP A 50 7.95 -17.28 -22.58
C ASP A 50 7.08 -17.88 -23.69
N LEU A 51 6.14 -17.08 -24.18
CA LEU A 51 5.11 -17.58 -25.08
C LEU A 51 5.62 -17.80 -26.51
N SER A 52 6.86 -17.35 -26.78
CA SER A 52 7.50 -17.55 -28.08
C SER A 52 7.83 -19.00 -28.38
N TYR A 53 7.81 -19.83 -27.34
CA TYR A 53 7.97 -21.28 -27.45
C TYR A 53 6.98 -21.90 -28.46
N PHE A 54 5.79 -21.31 -28.55
CA PHE A 54 4.73 -21.86 -29.38
C PHE A 54 4.68 -21.27 -30.79
N GLY A 55 5.66 -20.43 -31.11
CA GLY A 55 5.80 -19.89 -32.45
C GLY A 55 4.64 -19.01 -32.90
N GLU A 56 4.48 -18.86 -34.22
CA GLU A 56 3.43 -17.99 -34.74
C GLU A 56 2.05 -18.54 -34.42
N PHE A 57 1.98 -19.85 -34.22
CA PHE A 57 0.75 -20.54 -33.82
C PHE A 57 0.12 -19.92 -32.58
N GLY A 58 0.94 -19.47 -31.64
CA GLY A 58 0.43 -18.87 -30.43
C GLY A 58 -0.05 -17.44 -30.60
N LYS A 59 0.22 -16.85 -31.75
CA LYS A 59 0.02 -15.42 -31.98
C LYS A 59 -1.27 -15.12 -32.74
N ARG A 60 -1.91 -14.01 -32.37
CA ARG A 60 -2.93 -13.39 -33.19
C ARG A 60 -2.60 -11.90 -33.18
N GLY A 61 -2.13 -11.41 -34.31
CA GLY A 61 -1.66 -10.02 -34.38
C GLY A 61 -0.44 -9.86 -33.49
N VAL A 62 -0.46 -8.85 -32.65
CA VAL A 62 0.63 -8.61 -31.70
C VAL A 62 0.28 -9.24 -30.36
N GLY A 63 -0.85 -9.91 -30.30
CA GLY A 63 -1.27 -10.51 -29.05
C GLY A 63 -1.26 -12.02 -29.17
N TYR A 64 -1.96 -12.68 -28.26
CA TYR A 64 -1.92 -14.12 -28.20
C TYR A 64 -3.26 -14.78 -28.33
N ASN A 65 -3.27 -15.89 -29.03
CA ASN A 65 -4.48 -16.67 -29.20
C ASN A 65 -4.76 -17.46 -27.93
N VAL A 66 -5.72 -16.98 -27.13
CA VAL A 66 -6.04 -17.58 -25.84
C VAL A 66 -6.37 -19.08 -25.93
N GLU A 67 -7.21 -19.44 -26.89
CA GLU A 67 -7.63 -20.82 -27.03
C GLU A 67 -6.47 -21.73 -27.46
N HIS A 68 -5.64 -21.24 -28.39
CA HIS A 68 -4.47 -21.99 -28.89
C HIS A 68 -3.51 -22.31 -27.76
N LEU A 69 -3.20 -21.31 -26.95
CA LEU A 69 -2.28 -21.50 -25.85
C LEU A 69 -2.88 -22.36 -24.72
N TYR A 70 -4.16 -22.17 -24.41
CA TYR A 70 -4.83 -23.02 -23.43
C TYR A 70 -4.71 -24.50 -23.80
N ASP A 71 -5.04 -24.82 -25.06
CA ASP A 71 -4.96 -26.19 -25.52
C ASP A 71 -3.53 -26.75 -25.50
N ALA A 72 -2.56 -25.95 -25.98
CA ALA A 72 -1.19 -26.42 -26.14
C ALA A 72 -0.52 -26.66 -24.80
N ILE A 73 -0.72 -25.73 -23.87
CA ILE A 73 -0.15 -25.88 -22.54
C ILE A 73 -0.88 -26.98 -21.78
N GLY A 74 -2.18 -27.08 -22.00
CA GLY A 74 -2.95 -28.15 -21.40
C GLY A 74 -2.33 -29.47 -21.81
N GLU A 75 -1.98 -29.57 -23.09
CA GLU A 75 -1.30 -30.74 -23.64
C GLU A 75 -0.01 -31.05 -22.91
N ILE A 76 0.82 -30.02 -22.75
CA ILE A 76 2.10 -30.16 -22.07
C ILE A 76 1.92 -30.60 -20.62
N LEU A 77 0.87 -30.08 -19.96
CA LEU A 77 0.64 -30.37 -18.55
C LEU A 77 -0.14 -31.67 -18.30
N GLY A 78 -0.63 -32.32 -19.35
CA GLY A 78 -1.32 -33.58 -19.10
C GLY A 78 -2.67 -33.40 -18.44
N VAL A 79 -3.32 -32.27 -18.68
CA VAL A 79 -4.56 -31.94 -17.99
C VAL A 79 -5.69 -32.95 -18.21
N LYS A 80 -5.57 -33.78 -19.23
CA LYS A 80 -6.63 -34.76 -19.51
C LYS A 80 -6.68 -35.87 -18.46
N LYS A 81 -5.52 -36.18 -17.87
CA LYS A 81 -5.41 -37.27 -16.90
C LYS A 81 -6.17 -37.02 -15.61
N GLU A 82 -6.78 -38.08 -15.08
CA GLU A 82 -7.37 -38.04 -13.75
C GLU A 82 -6.38 -38.61 -12.73
N TRP A 83 -6.32 -37.99 -11.56
CA TRP A 83 -5.36 -38.38 -10.52
C TRP A 83 -6.09 -38.77 -9.25
N LYS A 84 -5.68 -39.87 -8.63
CA LYS A 84 -6.26 -40.31 -7.37
C LYS A 84 -5.47 -39.76 -6.18
N LEU A 85 -6.17 -39.15 -5.24
CA LEU A 85 -5.54 -38.55 -4.06
C LEU A 85 -5.99 -39.21 -2.77
N VAL A 86 -5.12 -39.17 -1.76
CA VAL A 86 -5.59 -39.32 -0.40
C VAL A 86 -5.10 -38.15 0.43
N VAL A 87 -5.83 -37.84 1.50
CA VAL A 87 -5.44 -36.80 2.45
C VAL A 87 -5.09 -37.49 3.76
N VAL A 88 -3.94 -37.13 4.33
CA VAL A 88 -3.54 -37.63 5.65
C VAL A 88 -3.68 -36.48 6.63
N GLY A 89 -4.56 -36.65 7.62
CA GLY A 89 -4.90 -35.59 8.55
C GLY A 89 -6.31 -35.11 8.26
N ALA A 90 -7.23 -35.36 9.18
CA ALA A 90 -8.61 -34.94 8.95
C ALA A 90 -8.99 -33.76 9.84
N GLY A 91 -8.02 -32.90 10.13
CA GLY A 91 -8.31 -31.72 10.92
C GLY A 91 -8.76 -30.58 10.04
N ASN A 92 -8.47 -29.37 10.50
CA ASN A 92 -8.88 -28.14 9.83
C ASN A 92 -8.50 -28.08 8.34
N ILE A 93 -7.21 -28.24 8.04
CA ILE A 93 -6.77 -28.16 6.66
C ILE A 93 -7.24 -29.36 5.83
N GLY A 94 -7.09 -30.56 6.39
CA GLY A 94 -7.50 -31.77 5.70
C GLY A 94 -8.97 -31.82 5.34
N ARG A 95 -9.81 -31.42 6.29
CA ARG A 95 -11.24 -31.31 6.01
CA ARG A 95 -11.25 -31.30 6.02
C ARG A 95 -11.46 -30.29 4.90
N ALA A 96 -10.75 -29.16 5.00
CA ALA A 96 -10.89 -28.11 3.98
C ALA A 96 -10.52 -28.61 2.58
N VAL A 97 -9.44 -29.37 2.47
CA VAL A 97 -9.09 -29.92 1.15
C VAL A 97 -10.13 -30.92 0.68
N ALA A 98 -10.61 -31.76 1.60
CA ALA A 98 -11.59 -32.78 1.27
C ALA A 98 -12.87 -32.16 0.72
N ASN A 99 -13.17 -30.94 1.16
CA ASN A 99 -14.38 -30.28 0.71
C ASN A 99 -14.15 -29.30 -0.43
N TYR A 100 -12.93 -29.28 -0.95
CA TYR A 100 -12.63 -28.39 -2.07
C TYR A 100 -13.02 -29.02 -3.39
N THR A 101 -14.25 -28.80 -3.82
CA THR A 101 -14.81 -29.58 -4.93
C THR A 101 -14.28 -29.27 -6.33
N VAL A 102 -13.80 -28.04 -6.57
CA VAL A 102 -13.44 -27.67 -7.95
C VAL A 102 -12.21 -28.43 -8.44
N MET A 103 -11.33 -28.82 -7.51
CA MET A 103 -10.18 -29.63 -7.86
C MET A 103 -10.68 -30.99 -8.34
N LYS A 104 -11.74 -31.50 -7.72
CA LYS A 104 -12.34 -32.75 -8.18
C LYS A 104 -12.79 -32.62 -9.63
N GLU A 105 -13.35 -31.46 -9.98
CA GLU A 105 -13.81 -31.21 -11.33
C GLU A 105 -12.64 -31.08 -12.30
N LYS A 106 -11.48 -30.73 -11.77
CA LYS A 106 -10.27 -30.59 -12.60
C LYS A 106 -9.49 -31.89 -12.75
N GLY A 107 -9.95 -32.96 -12.10
CA GLY A 107 -9.36 -34.26 -12.32
C GLY A 107 -8.48 -34.76 -11.20
N PHE A 108 -8.60 -34.12 -10.05
CA PHE A 108 -7.88 -34.54 -8.87
C PHE A 108 -8.92 -35.04 -7.90
N ARG A 109 -9.03 -36.36 -7.81
CA ARG A 109 -10.12 -36.96 -7.06
C ARG A 109 -9.64 -37.56 -5.76
N ILE A 110 -10.12 -37.03 -4.64
CA ILE A 110 -9.82 -37.57 -3.32
C ILE A 110 -10.71 -38.76 -3.00
N ILE A 111 -10.09 -39.92 -2.78
CA ILE A 111 -10.85 -41.14 -2.55
C ILE A 111 -10.65 -41.67 -1.13
N GLY A 112 -9.84 -40.97 -0.34
CA GLY A 112 -9.65 -41.40 1.04
C GLY A 112 -9.02 -40.32 1.88
N ILE A 113 -9.33 -40.36 3.16
CA ILE A 113 -8.74 -39.43 4.12
C ILE A 113 -8.49 -40.14 5.44
N PHE A 114 -7.39 -39.81 6.09
CA PHE A 114 -6.93 -40.61 7.21
C PHE A 114 -6.60 -39.77 8.44
N ASP A 115 -6.80 -40.35 9.61
CA ASP A 115 -6.43 -39.71 10.85
C ASP A 115 -6.11 -40.75 11.91
N SER A 116 -5.40 -40.35 12.96
CA SER A 116 -5.09 -41.24 14.07
C SER A 116 -5.97 -40.97 15.29
N ASP A 117 -6.93 -40.07 15.13
CA ASP A 117 -7.80 -39.67 16.23
C ASP A 117 -9.15 -40.41 16.18
N PRO A 118 -9.46 -41.19 17.23
CA PRO A 118 -10.71 -41.97 17.32
C PRO A 118 -11.98 -41.08 17.28
N SER A 119 -11.88 -39.86 17.80
CA SER A 119 -12.99 -38.91 17.72
C SER A 119 -13.29 -38.54 16.28
N LYS A 120 -12.26 -38.65 15.42
CA LYS A 120 -12.40 -38.27 14.01
C LYS A 120 -12.66 -39.49 13.12
N ILE A 121 -11.99 -40.60 13.43
CA ILE A 121 -12.15 -41.84 12.68
C ILE A 121 -13.61 -42.28 12.70
N GLY A 122 -14.13 -42.70 11.55
CA GLY A 122 -15.51 -43.15 11.46
C GLY A 122 -16.48 -42.07 11.05
N LYS A 123 -16.19 -40.83 11.43
CA LYS A 123 -17.04 -39.72 11.04
C LYS A 123 -16.70 -39.27 9.62
N GLU A 124 -17.60 -38.51 9.01
CA GLU A 124 -17.41 -38.07 7.63
C GLU A 124 -16.73 -36.71 7.55
N ALA A 125 -15.67 -36.65 6.75
CA ALA A 125 -14.93 -35.41 6.51
C ALA A 125 -15.61 -34.55 5.45
N ALA A 126 -16.26 -35.21 4.50
CA ALA A 126 -16.92 -34.54 3.39
C ALA A 126 -18.06 -35.44 2.89
N PRO A 127 -18.96 -34.91 2.05
CA PRO A 127 -20.02 -35.76 1.50
C PRO A 127 -19.50 -36.97 0.75
N GLY A 128 -19.85 -38.17 1.21
CA GLY A 128 -19.42 -39.39 0.55
C GLY A 128 -18.01 -39.84 0.88
N LEU A 129 -17.40 -39.17 1.87
CA LEU A 129 -16.03 -39.45 2.26
C LEU A 129 -15.87 -39.63 3.77
N THR A 130 -15.58 -40.85 4.20
CA THR A 130 -15.46 -41.16 5.64
C THR A 130 -14.00 -41.30 6.07
N VAL A 131 -13.66 -40.74 7.23
CA VAL A 131 -12.29 -40.76 7.73
C VAL A 131 -11.82 -42.14 8.14
N SER A 132 -10.69 -42.56 7.61
CA SER A 132 -10.11 -43.85 7.92
C SER A 132 -9.00 -43.74 8.97
N ASP A 133 -8.75 -44.84 9.65
CA ASP A 133 -7.62 -44.94 10.57
C ASP A 133 -6.32 -44.88 9.76
N VAL A 134 -5.43 -43.98 10.16
CA VAL A 134 -4.15 -43.76 9.48
C VAL A 134 -3.27 -45.00 9.53
N SER A 135 -3.61 -45.93 10.40
CA SER A 135 -2.91 -47.20 10.47
C SER A 135 -3.03 -47.96 9.14
N GLU A 136 -4.13 -47.73 8.43
CA GLU A 136 -4.41 -48.42 7.17
C GLU A 136 -3.91 -47.64 5.93
N LEU A 137 -3.12 -46.60 6.15
CA LEU A 137 -2.73 -45.71 5.06
C LEU A 137 -2.05 -46.42 3.91
N GLU A 138 -0.97 -47.15 4.20
CA GLU A 138 -0.21 -47.86 3.18
C GLU A 138 -1.08 -48.86 2.43
N LYS A 139 -1.85 -49.62 3.20
CA LYS A 139 -2.70 -50.66 2.66
C LYS A 139 -3.64 -50.04 1.66
N PHE A 140 -4.25 -48.92 2.03
CA PHE A 140 -5.18 -48.25 1.15
C PHE A 140 -4.47 -47.74 -0.09
N VAL A 141 -3.30 -47.13 0.09
CA VAL A 141 -2.62 -46.55 -1.05
C VAL A 141 -2.26 -47.63 -2.08
N GLU A 142 -1.80 -48.78 -1.62
CA GLU A 142 -1.43 -49.86 -2.54
C GLU A 142 -2.64 -50.47 -3.25
N GLU A 143 -3.70 -50.73 -2.48
CA GLU A 143 -4.91 -51.37 -2.98
C GLU A 143 -5.72 -50.50 -3.92
N HIS A 144 -5.59 -49.19 -3.79
CA HIS A 144 -6.40 -48.32 -4.61
C HIS A 144 -5.58 -47.61 -5.68
N GLY A 145 -4.29 -47.95 -5.77
CA GLY A 145 -3.41 -47.36 -6.75
C GLY A 145 -3.32 -45.84 -6.61
N VAL A 146 -3.32 -45.34 -5.37
CA VAL A 146 -3.31 -43.90 -5.15
C VAL A 146 -2.00 -43.23 -5.63
N GLU A 147 -2.13 -42.15 -6.38
CA GLU A 147 -0.97 -41.51 -6.99
C GLU A 147 -0.40 -40.34 -6.18
N ILE A 148 -1.29 -39.59 -5.53
CA ILE A 148 -0.88 -38.37 -4.85
C ILE A 148 -1.33 -38.39 -3.39
N GLY A 149 -0.38 -38.06 -2.51
CA GLY A 149 -0.66 -38.02 -1.09
C GLY A 149 -0.62 -36.57 -0.68
N VAL A 150 -1.68 -36.11 -0.02
CA VAL A 150 -1.76 -34.77 0.52
C VAL A 150 -1.48 -34.83 2.02
N ILE A 151 -0.43 -34.15 2.46
CA ILE A 151 -0.07 -34.19 3.87
C ILE A 151 -0.62 -32.98 4.60
N ALA A 152 -1.55 -33.24 5.51
CA ALA A 152 -2.24 -32.24 6.30
C ALA A 152 -2.17 -32.59 7.79
N VAL A 153 -0.98 -32.97 8.24
CA VAL A 153 -0.74 -33.23 9.66
C VAL A 153 0.27 -32.17 10.14
N PRO A 154 0.43 -32.01 11.47
CA PRO A 154 1.43 -31.06 11.98
C PRO A 154 2.86 -31.36 11.53
N ALA A 155 3.71 -30.33 11.58
CA ALA A 155 5.08 -30.44 11.08
C ALA A 155 5.84 -31.61 11.69
N GLU A 156 5.55 -31.88 12.96
CA GLU A 156 6.26 -32.90 13.74
C GLU A 156 6.10 -34.30 13.16
N HIS A 157 4.97 -34.57 12.50
CA HIS A 157 4.68 -35.90 11.99
C HIS A 157 4.70 -36.01 10.47
N ALA A 158 4.99 -34.91 9.79
CA ALA A 158 4.94 -34.85 8.34
C ALA A 158 5.98 -35.73 7.65
N GLN A 159 7.21 -35.71 8.15
CA GLN A 159 8.28 -36.47 7.49
C GLN A 159 7.99 -37.98 7.49
N GLU A 160 7.57 -38.49 8.64
CA GLU A 160 7.24 -39.90 8.77
C GLU A 160 6.04 -40.28 7.88
N ILE A 161 5.01 -39.43 7.84
CA ILE A 161 3.87 -39.68 6.94
C ILE A 161 4.35 -39.73 5.48
N ALA A 162 5.27 -38.83 5.16
CA ALA A 162 5.81 -38.78 3.80
C ALA A 162 6.55 -40.09 3.50
N GLU A 163 7.27 -40.58 4.51
CA GLU A 163 7.97 -41.85 4.37
C GLU A 163 6.98 -43.00 4.19
N ARG A 164 5.90 -43.01 4.96
CA ARG A 164 4.90 -44.07 4.81
C ARG A 164 4.26 -44.03 3.41
N LEU A 165 4.00 -42.84 2.90
CA LEU A 165 3.42 -42.68 1.57
C LEU A 165 4.36 -43.26 0.51
N GLU A 166 5.61 -42.88 0.60
CA GLU A 166 6.57 -43.26 -0.41
C GLU A 166 6.79 -44.78 -0.43
N LYS A 167 6.87 -45.40 0.75
CA LYS A 167 7.03 -46.85 0.84
C LYS A 167 5.83 -47.58 0.21
N ALA A 168 4.66 -46.95 0.28
CA ALA A 168 3.44 -47.52 -0.27
C ALA A 168 3.30 -47.30 -1.78
N GLY A 169 4.22 -46.58 -2.41
CA GLY A 169 4.16 -46.39 -3.85
C GLY A 169 3.55 -45.08 -4.32
N ILE A 170 3.40 -44.10 -3.43
CA ILE A 170 2.92 -42.78 -3.84
C ILE A 170 3.86 -42.24 -4.93
N LYS A 171 3.32 -41.46 -5.85
CA LYS A 171 4.12 -40.92 -6.94
C LYS A 171 4.50 -39.46 -6.71
N GLY A 172 3.74 -38.78 -5.87
CA GLY A 172 3.98 -37.38 -5.56
C GLY A 172 3.28 -36.96 -4.29
N ILE A 173 3.77 -35.90 -3.67
CA ILE A 173 3.22 -35.43 -2.41
C ILE A 173 2.90 -33.93 -2.46
N LEU A 174 1.68 -33.59 -2.05
CA LEU A 174 1.30 -32.20 -1.79
C LEU A 174 1.33 -31.97 -0.28
N ASN A 175 2.20 -31.10 0.18
CA ASN A 175 2.50 -30.95 1.60
C ASN A 175 2.01 -29.63 2.15
N PHE A 176 1.12 -29.66 3.13
CA PHE A 176 0.66 -28.45 3.81
C PHE A 176 1.39 -28.16 5.13
N ALA A 177 2.26 -29.07 5.57
CA ALA A 177 2.97 -28.86 6.85
C ALA A 177 4.14 -27.92 6.67
N PRO A 178 4.33 -27.00 7.64
CA PRO A 178 5.45 -26.04 7.53
C PRO A 178 6.79 -26.69 7.84
N VAL A 179 7.23 -27.60 6.98
CA VAL A 179 8.51 -28.23 7.19
C VAL A 179 8.96 -28.72 5.83
N LYS A 180 10.25 -28.81 5.61
CA LYS A 180 10.74 -29.35 4.37
C LYS A 180 10.80 -30.86 4.48
N ILE A 181 10.10 -31.53 3.58
CA ILE A 181 10.00 -32.98 3.53
C ILE A 181 11.17 -33.53 2.69
N LYS A 182 11.72 -34.68 3.09
CA LYS A 182 12.82 -35.30 2.36
C LYS A 182 12.45 -36.70 1.87
N VAL A 183 12.04 -36.81 0.61
CA VAL A 183 11.64 -38.08 0.04
C VAL A 183 12.16 -38.11 -1.40
N SER A 184 12.08 -39.25 -2.09
CA SER A 184 12.56 -39.31 -3.49
C SER A 184 11.52 -38.83 -4.50
N VAL A 185 10.23 -38.95 -4.19
CA VAL A 185 9.16 -38.53 -5.11
C VAL A 185 9.05 -36.99 -5.14
N PRO A 186 8.48 -36.42 -6.21
CA PRO A 186 8.30 -34.96 -6.17
C PRO A 186 7.38 -34.51 -5.03
N VAL A 187 7.68 -33.32 -4.52
CA VAL A 187 6.92 -32.69 -3.44
C VAL A 187 6.58 -31.27 -3.87
N GLU A 188 5.33 -30.87 -3.71
CA GLU A 188 4.93 -29.46 -3.80
C GLU A 188 4.37 -29.00 -2.46
N ASN A 189 4.87 -27.88 -1.98
CA ASN A 189 4.44 -27.38 -0.68
C ASN A 189 3.41 -26.29 -0.80
N ILE A 190 2.39 -26.31 0.04
CA ILE A 190 1.55 -25.13 0.24
C ILE A 190 1.72 -24.82 1.71
N ASP A 191 2.21 -23.62 1.98
CA ASP A 191 2.50 -23.22 3.35
C ASP A 191 1.94 -21.82 3.46
N ILE A 192 0.76 -21.73 4.05
CA ILE A 192 0.00 -20.49 4.10
C ILE A 192 0.82 -19.41 4.81
N THR A 193 1.45 -19.81 5.89
CA THR A 193 2.33 -18.91 6.64
C THR A 193 3.54 -18.43 5.84
N ALA A 194 4.19 -19.33 5.10
CA ALA A 194 5.29 -18.93 4.23
C ALA A 194 4.85 -17.97 3.13
N SER A 195 3.69 -18.23 2.52
CA SER A 195 3.17 -17.34 1.48
C SER A 195 2.92 -15.95 2.06
N LEU A 196 2.36 -15.92 3.27
CA LEU A 196 2.12 -14.66 3.98
C LEU A 196 3.43 -13.93 4.23
N ARG A 197 4.45 -14.68 4.61
CA ARG A 197 5.77 -14.13 4.89
C ARG A 197 6.38 -13.51 3.63
N VAL A 198 6.27 -14.21 2.51
CA VAL A 198 6.73 -13.67 1.23
C VAL A 198 6.01 -12.37 0.90
N LEU A 199 4.70 -12.35 1.10
CA LEU A 199 3.90 -11.16 0.89
C LEU A 199 4.39 -10.00 1.78
N THR A 200 4.62 -10.26 3.07
CA THR A 200 5.05 -9.18 3.96
C THR A 200 6.41 -8.62 3.54
N PHE A 201 7.29 -9.47 2.99
CA PHE A 201 8.60 -9.00 2.53
C PHE A 201 8.43 -7.89 1.48
N GLU A 202 7.53 -8.12 0.53
CA GLU A 202 7.23 -7.13 -0.51
C GLU A 202 6.51 -5.89 0.05
N ILE A 203 5.63 -6.08 1.03
CA ILE A 203 4.98 -4.96 1.69
C ILE A 203 6.05 -4.07 2.32
N VAL A 204 6.96 -4.71 3.03
CA VAL A 204 8.01 -3.97 3.72
C VAL A 204 8.88 -3.22 2.71
N ARG A 205 9.23 -3.89 1.61
CA ARG A 205 10.04 -3.23 0.58
C ARG A 205 9.34 -2.00 -0.01
N ARG A 206 8.03 -2.11 -0.25
CA ARG A 206 7.26 -1.01 -0.82
C ARG A 206 7.03 0.14 0.13
N ASN A 207 7.17 -0.12 1.43
CA ASN A 207 7.01 0.91 2.42
C ASN A 207 8.33 1.47 2.97
N SER A 208 9.40 1.28 2.21
CA SER A 208 10.74 1.75 2.57
C SER A 208 11.27 2.61 1.43
N GLU B 3 25.54 7.46 9.06
CA GLU B 3 24.63 6.70 8.21
C GLU B 3 25.28 6.31 6.89
N LYS B 4 26.49 5.72 6.95
CA LYS B 4 27.29 5.48 5.76
C LYS B 4 27.13 4.08 5.14
N ILE B 5 27.43 3.03 5.90
CA ILE B 5 27.23 1.67 5.40
C ILE B 5 25.75 1.47 5.10
N PRO B 6 25.41 1.15 3.84
CA PRO B 6 24.04 1.09 3.35
C PRO B 6 23.30 -0.18 3.76
N LYS B 7 22.00 -0.07 4.01
CA LYS B 7 21.16 -1.24 4.23
C LYS B 7 21.20 -2.11 2.99
N PRO B 8 21.40 -3.42 3.15
CA PRO B 8 21.30 -4.24 1.94
C PRO B 8 19.90 -4.15 1.33
N VAL B 9 19.81 -4.23 0.02
CA VAL B 9 18.53 -4.18 -0.68
C VAL B 9 17.68 -5.41 -0.36
N SER B 10 16.37 -5.27 -0.57
CA SER B 10 15.41 -6.29 -0.16
C SER B 10 15.71 -7.70 -0.66
N LYS B 11 15.97 -7.86 -1.96
CA LYS B 11 16.23 -9.19 -2.53
C LYS B 11 17.40 -9.91 -1.85
N ARG B 12 18.45 -9.17 -1.53
CA ARG B 12 19.59 -9.71 -0.78
C ARG B 12 19.21 -10.15 0.62
N LEU B 13 18.51 -9.26 1.33
CA LEU B 13 18.07 -9.54 2.70
C LEU B 13 17.23 -10.78 2.75
N VAL B 14 16.30 -10.93 1.80
CA VAL B 14 15.45 -12.11 1.78
C VAL B 14 16.29 -13.36 1.49
N SER B 15 17.22 -13.26 0.56
CA SER B 15 18.10 -14.41 0.28
C SER B 15 18.94 -14.82 1.48
N TYR B 16 19.52 -13.84 2.16
CA TYR B 16 20.26 -14.11 3.40
C TYR B 16 19.36 -14.79 4.40
N TYR B 17 18.15 -14.23 4.55
CA TYR B 17 17.25 -14.71 5.57
C TYR B 17 16.92 -16.20 5.36
N MET B 18 16.57 -16.58 4.13
CA MET B 18 16.19 -17.98 3.88
C MET B 18 17.39 -18.92 4.05
N CYS B 19 18.56 -18.45 3.63
CA CYS B 19 19.78 -19.22 3.75
C CYS B 19 20.16 -19.42 5.22
N LEU B 20 20.11 -18.34 5.98
CA LEU B 20 20.41 -18.40 7.41
C LEU B 20 19.43 -19.35 8.07
N GLU B 21 18.19 -19.36 7.59
CA GLU B 21 17.17 -20.23 8.17
C GLU B 21 17.56 -21.70 8.00
N ARG B 22 18.07 -22.05 6.83
CA ARG B 22 18.54 -23.42 6.58
C ARG B 22 19.69 -23.79 7.50
N LEU B 23 20.69 -22.91 7.56
CA LEU B 23 21.85 -23.10 8.41
C LEU B 23 21.44 -23.34 9.86
N LEU B 24 20.40 -22.65 10.31
CA LEU B 24 19.90 -22.83 11.65
C LEU B 24 19.28 -24.22 11.84
N ASP B 25 18.50 -24.67 10.85
CA ASP B 25 17.88 -25.99 10.90
C ASP B 25 18.94 -27.08 10.88
N GLU B 26 20.02 -26.82 10.15
CA GLU B 26 21.18 -27.71 10.08
C GLU B 26 21.97 -27.75 11.38
N GLY B 27 21.83 -26.73 12.22
CA GLY B 27 22.54 -26.68 13.49
C GLY B 27 23.80 -25.84 13.40
N VAL B 28 24.04 -25.25 12.24
CA VAL B 28 25.20 -24.37 12.06
C VAL B 28 25.06 -23.09 12.91
N GLU B 29 26.08 -22.79 13.71
CA GLU B 29 26.07 -21.59 14.55
C GLU B 29 26.86 -20.46 13.90
N VAL B 30 27.95 -20.83 13.22
CA VAL B 30 28.84 -19.86 12.59
C VAL B 30 29.05 -20.19 11.11
N VAL B 31 28.96 -19.17 10.27
CA VAL B 31 29.14 -19.35 8.84
C VAL B 31 30.09 -18.27 8.32
N SER B 32 30.92 -18.63 7.34
CA SER B 32 31.87 -17.67 6.77
C SER B 32 31.27 -16.97 5.54
N SER B 33 31.83 -15.83 5.16
CA SER B 33 31.40 -15.21 3.91
C SER B 33 31.66 -16.10 2.70
N GLU B 34 32.78 -16.82 2.71
CA GLU B 34 33.11 -17.68 1.58
C GLU B 34 32.05 -18.77 1.46
N GLU B 35 31.62 -19.29 2.60
CA GLU B 35 30.59 -20.34 2.58
C GLU B 35 29.28 -19.76 2.09
N LEU B 36 28.95 -18.55 2.52
CA LEU B 36 27.73 -17.90 2.06
C LEU B 36 27.80 -17.71 0.54
N ALA B 37 28.98 -17.35 0.06
CA ALA B 37 29.19 -17.13 -1.37
C ALA B 37 28.83 -18.34 -2.19
N ARG B 38 29.22 -19.50 -1.70
CA ARG B 38 28.96 -20.75 -2.41
C ARG B 38 27.49 -21.16 -2.35
N ARG B 39 26.88 -21.03 -1.18
CA ARG B 39 25.49 -21.45 -1.00
C ARG B 39 24.52 -20.52 -1.75
N LEU B 40 24.88 -19.25 -1.86
CA LEU B 40 24.00 -18.25 -2.47
C LEU B 40 24.39 -17.91 -3.90
N ASP B 41 25.52 -18.45 -4.35
CA ASP B 41 26.10 -18.12 -5.65
C ASP B 41 26.26 -16.61 -5.77
N LEU B 42 26.92 -16.02 -4.79
CA LEU B 42 26.99 -14.57 -4.68
C LEU B 42 28.38 -14.14 -4.22
N LYS B 43 28.96 -13.14 -4.88
CA LYS B 43 30.35 -12.75 -4.63
C LYS B 43 30.64 -12.42 -3.16
N ALA B 44 31.59 -13.15 -2.59
CA ALA B 44 31.91 -13.05 -1.15
C ALA B 44 32.14 -11.63 -0.68
N SER B 45 32.80 -10.81 -1.50
CA SER B 45 33.02 -9.41 -1.13
C SER B 45 31.69 -8.68 -0.93
N GLN B 46 30.68 -9.01 -1.74
CA GLN B 46 29.36 -8.39 -1.64
C GLN B 46 28.69 -8.78 -0.34
N ILE B 47 28.80 -10.05 -0.01
CA ILE B 47 28.27 -10.58 1.24
C ILE B 47 28.87 -9.85 2.42
N ARG B 48 30.19 -9.68 2.44
CA ARG B 48 30.80 -8.94 3.53
C ARG B 48 30.36 -7.48 3.60
N LYS B 49 30.25 -6.84 2.43
CA LYS B 49 29.74 -5.48 2.37
C LYS B 49 28.32 -5.38 2.97
N ASP B 50 27.44 -6.24 2.48
CA ASP B 50 26.08 -6.33 3.01
C ASP B 50 26.03 -6.53 4.52
N LEU B 51 26.71 -7.57 5.00
CA LEU B 51 26.55 -7.99 6.37
C LEU B 51 27.26 -7.07 7.35
N SER B 52 28.10 -6.17 6.84
CA SER B 52 28.78 -5.20 7.68
C SER B 52 27.81 -4.18 8.22
N TYR B 53 26.63 -4.11 7.59
CA TYR B 53 25.54 -3.29 8.07
C TYR B 53 25.21 -3.65 9.52
N PHE B 54 25.43 -4.90 9.90
CA PHE B 54 25.04 -5.34 11.24
C PHE B 54 26.19 -5.23 12.27
N GLY B 55 27.35 -4.71 11.84
CA GLY B 55 28.46 -4.46 12.75
C GLY B 55 29.05 -5.71 13.39
N GLU B 56 29.69 -5.54 14.55
CA GLU B 56 30.31 -6.65 15.27
C GLU B 56 29.27 -7.64 15.76
N PHE B 57 28.05 -7.13 15.99
CA PHE B 57 26.92 -7.96 16.41
C PHE B 57 26.70 -9.13 15.45
N GLY B 58 26.95 -8.91 14.16
CA GLY B 58 26.72 -9.93 13.16
C GLY B 58 27.80 -11.00 13.10
N LYS B 59 28.93 -10.75 13.77
CA LYS B 59 30.11 -11.61 13.70
C LYS B 59 30.31 -12.46 14.95
N ARG B 60 30.73 -13.71 14.73
CA ARG B 60 31.25 -14.58 15.77
C ARG B 60 32.47 -15.35 15.26
N GLY B 61 33.62 -15.14 15.89
CA GLY B 61 34.82 -15.85 15.49
C GLY B 61 35.37 -15.45 14.14
N VAL B 62 35.56 -16.43 13.26
CA VAL B 62 36.07 -16.14 11.92
C VAL B 62 34.95 -16.02 10.91
N GLY B 63 33.72 -16.18 11.40
CA GLY B 63 32.52 -16.14 10.58
C GLY B 63 31.46 -15.15 11.06
N TYR B 64 30.24 -15.43 10.68
CA TYR B 64 29.09 -14.61 11.04
C TYR B 64 28.23 -15.41 11.99
N ASN B 65 27.63 -14.71 12.95
CA ASN B 65 26.74 -15.35 13.91
C ASN B 65 25.41 -15.62 13.22
N VAL B 66 25.20 -16.88 12.84
CA VAL B 66 24.01 -17.28 12.12
C VAL B 66 22.74 -16.81 12.84
N GLU B 67 22.70 -17.00 14.15
CA GLU B 67 21.52 -16.63 14.94
C GLU B 67 21.31 -15.12 15.03
N HIS B 68 22.39 -14.36 15.24
CA HIS B 68 22.26 -12.91 15.33
C HIS B 68 21.74 -12.36 14.01
N LEU B 69 22.30 -12.81 12.89
CA LEU B 69 21.90 -12.30 11.60
C LEU B 69 20.48 -12.70 11.25
N TYR B 70 20.11 -13.94 11.57
CA TYR B 70 18.75 -14.41 11.34
C TYR B 70 17.74 -13.51 12.08
N ASP B 71 18.04 -13.24 13.34
CA ASP B 71 17.20 -12.38 14.16
C ASP B 71 17.11 -10.94 13.61
N ALA B 72 18.25 -10.34 13.25
CA ALA B 72 18.31 -8.94 12.81
C ALA B 72 17.70 -8.74 11.42
N ILE B 73 18.00 -9.65 10.51
CA ILE B 73 17.46 -9.54 9.16
C ILE B 73 15.95 -9.79 9.21
N GLY B 74 15.52 -10.75 10.02
CA GLY B 74 14.10 -10.98 10.23
C GLY B 74 13.41 -9.72 10.76
N GLU B 75 14.05 -9.06 11.71
CA GLU B 75 13.52 -7.82 12.23
C GLU B 75 13.29 -6.76 11.14
N ILE B 76 14.30 -6.57 10.28
CA ILE B 76 14.18 -5.62 9.16
C ILE B 76 13.06 -6.01 8.23
N LEU B 77 12.89 -7.32 8.02
CA LEU B 77 11.89 -7.86 7.05
C LEU B 77 10.48 -7.98 7.63
N GLY B 78 10.30 -7.44 8.84
CA GLY B 78 9.04 -7.42 9.56
C GLY B 78 8.61 -8.71 10.26
N VAL B 79 9.54 -9.62 10.48
CA VAL B 79 9.25 -10.92 11.11
C VAL B 79 8.82 -10.77 12.57
N LYS B 80 9.18 -9.66 13.20
CA LYS B 80 8.83 -9.47 14.61
C LYS B 80 7.61 -8.56 14.76
N LYS B 81 7.10 -8.08 13.63
CA LYS B 81 5.88 -7.29 13.58
C LYS B 81 4.69 -8.24 13.74
N GLU B 82 3.61 -7.77 14.35
CA GLU B 82 2.40 -8.54 14.44
C GLU B 82 1.44 -8.07 13.34
N TRP B 83 1.39 -8.83 12.26
CA TRP B 83 0.60 -8.42 11.10
C TRP B 83 -0.89 -8.67 11.32
N LYS B 84 -1.71 -7.67 11.00
CA LYS B 84 -3.17 -7.79 11.11
C LYS B 84 -3.80 -8.19 9.79
N LEU B 85 -4.62 -9.23 9.84
CA LEU B 85 -5.28 -9.77 8.66
C LEU B 85 -6.79 -9.66 8.81
N VAL B 86 -7.48 -9.55 7.68
CA VAL B 86 -8.90 -9.86 7.66
C VAL B 86 -9.09 -10.90 6.58
N VAL B 87 -10.13 -11.70 6.75
CA VAL B 87 -10.53 -12.71 5.77
C VAL B 87 -11.87 -12.31 5.22
N VAL B 88 -12.01 -12.32 3.90
CA VAL B 88 -13.31 -12.05 3.26
C VAL B 88 -13.78 -13.35 2.65
N GLY B 89 -14.93 -13.83 3.10
CA GLY B 89 -15.45 -15.12 2.69
C GLY B 89 -15.37 -16.04 3.88
N ALA B 90 -16.52 -16.42 4.44
CA ALA B 90 -16.54 -17.29 5.60
C ALA B 90 -17.02 -18.68 5.23
N GLY B 91 -16.65 -19.13 4.04
CA GLY B 91 -16.95 -20.48 3.60
C GLY B 91 -15.86 -21.46 4.01
N ASN B 92 -15.73 -22.53 3.23
CA ASN B 92 -14.79 -23.62 3.51
C ASN B 92 -13.35 -23.13 3.74
N ILE B 93 -12.84 -22.39 2.78
CA ILE B 93 -11.49 -21.85 2.85
C ILE B 93 -11.33 -20.76 3.91
N GLY B 94 -12.26 -19.80 3.93
CA GLY B 94 -12.17 -18.69 4.86
C GLY B 94 -12.12 -19.18 6.30
N ARG B 95 -13.00 -20.13 6.63
CA ARG B 95 -13.07 -20.65 7.98
C ARG B 95 -11.81 -21.43 8.32
N ALA B 96 -11.34 -22.22 7.36
CA ALA B 96 -10.11 -22.98 7.54
C ALA B 96 -8.95 -22.03 7.86
N VAL B 97 -8.85 -20.92 7.12
CA VAL B 97 -7.81 -19.94 7.38
C VAL B 97 -8.01 -19.29 8.74
N ALA B 98 -9.27 -18.98 9.10
CA ALA B 98 -9.56 -18.40 10.41
C ALA B 98 -9.18 -19.34 11.54
N ASN B 99 -9.22 -20.65 11.31
CA ASN B 99 -8.83 -21.62 12.35
C ASN B 99 -7.40 -22.14 12.22
N TYR B 100 -6.62 -21.55 11.33
CA TYR B 100 -5.25 -22.05 11.09
C TYR B 100 -4.31 -21.47 12.15
N THR B 101 -4.17 -22.19 13.26
CA THR B 101 -3.59 -21.64 14.47
C THR B 101 -2.09 -21.38 14.36
N VAL B 102 -1.40 -22.14 13.52
CA VAL B 102 0.04 -22.04 13.50
C VAL B 102 0.48 -20.67 12.95
N MET B 103 -0.29 -20.06 12.05
CA MET B 103 0.11 -18.74 11.53
C MET B 103 0.07 -17.70 12.66
N LYS B 104 -0.77 -17.95 13.66
CA LYS B 104 -0.86 -17.06 14.80
C LYS B 104 0.43 -17.08 15.61
N GLU B 105 0.99 -18.28 15.81
CA GLU B 105 2.31 -18.44 16.40
C GLU B 105 3.34 -17.56 15.69
N LYS B 106 3.26 -17.53 14.37
CA LYS B 106 4.28 -16.89 13.54
C LYS B 106 4.09 -15.38 13.37
N GLY B 107 3.00 -14.84 13.92
CA GLY B 107 2.82 -13.39 13.92
C GLY B 107 1.76 -12.88 12.96
N PHE B 108 0.88 -13.77 12.49
CA PHE B 108 -0.19 -13.35 11.61
C PHE B 108 -1.54 -13.43 12.33
N ARG B 109 -2.11 -12.28 12.66
CA ARG B 109 -3.31 -12.25 13.50
C ARG B 109 -4.55 -11.90 12.69
N ILE B 110 -5.46 -12.85 12.57
CA ILE B 110 -6.73 -12.57 11.91
C ILE B 110 -7.65 -11.85 12.92
N ILE B 111 -7.99 -10.61 12.65
CA ILE B 111 -8.78 -9.85 13.62
C ILE B 111 -10.19 -9.60 13.14
N GLY B 112 -10.53 -10.04 11.94
CA GLY B 112 -11.90 -9.91 11.45
C GLY B 112 -12.12 -10.85 10.27
N ILE B 113 -13.35 -11.30 10.11
CA ILE B 113 -13.71 -12.13 8.97
C ILE B 113 -15.10 -11.71 8.51
N PHE B 114 -15.28 -11.66 7.20
CA PHE B 114 -16.43 -10.98 6.65
C PHE B 114 -17.12 -11.84 5.63
N ASP B 115 -18.43 -11.67 5.54
CA ASP B 115 -19.24 -12.35 4.56
C ASP B 115 -20.49 -11.56 4.23
N SER B 116 -21.12 -11.88 3.09
CA SER B 116 -22.35 -11.21 2.69
C SER B 116 -23.62 -12.06 2.93
N ASP B 117 -23.44 -13.24 3.52
CA ASP B 117 -24.55 -14.18 3.74
C ASP B 117 -25.14 -13.98 5.15
N PRO B 118 -26.41 -13.56 5.23
CA PRO B 118 -27.08 -13.29 6.51
C PRO B 118 -27.11 -14.49 7.45
N SER B 119 -27.12 -15.69 6.88
CA SER B 119 -27.03 -16.91 7.66
C SER B 119 -25.59 -17.23 8.12
N LYS B 120 -24.59 -16.51 7.62
CA LYS B 120 -23.22 -16.66 8.11
C LYS B 120 -22.84 -15.57 9.11
N ILE B 121 -23.27 -14.35 8.82
CA ILE B 121 -22.97 -13.19 9.63
C ILE B 121 -23.47 -13.42 11.07
N GLY B 122 -22.65 -13.09 12.05
CA GLY B 122 -22.99 -13.29 13.46
C GLY B 122 -22.61 -14.64 14.06
N LYS B 123 -22.38 -15.66 13.22
CA LYS B 123 -21.95 -16.96 13.73
C LYS B 123 -20.45 -16.92 14.02
N GLU B 124 -19.97 -17.81 14.89
CA GLU B 124 -18.53 -17.86 15.12
C GLU B 124 -17.81 -18.57 13.99
N ALA B 125 -16.80 -17.93 13.40
CA ALA B 125 -15.98 -18.63 12.40
C ALA B 125 -14.87 -19.42 13.10
N ALA B 126 -14.40 -18.88 14.22
CA ALA B 126 -13.33 -19.46 15.01
C ALA B 126 -13.47 -18.95 16.43
N PRO B 127 -12.76 -19.57 17.40
CA PRO B 127 -12.83 -19.06 18.77
C PRO B 127 -12.46 -17.58 18.88
N GLY B 128 -13.42 -16.78 19.34
CA GLY B 128 -13.19 -15.36 19.51
C GLY B 128 -13.32 -14.57 18.22
N LEU B 129 -13.78 -15.23 17.16
CA LEU B 129 -13.87 -14.57 15.86
C LEU B 129 -15.27 -14.77 15.30
N THR B 130 -16.00 -13.66 15.22
CA THR B 130 -17.37 -13.66 14.74
C THR B 130 -17.43 -13.13 13.33
N VAL B 131 -18.22 -13.76 12.47
CA VAL B 131 -18.35 -13.27 11.10
C VAL B 131 -19.07 -11.92 11.09
N SER B 132 -18.44 -10.92 10.47
CA SER B 132 -19.04 -9.59 10.33
C SER B 132 -19.63 -9.43 8.95
N ASP B 133 -20.57 -8.50 8.85
CA ASP B 133 -21.19 -8.10 7.59
C ASP B 133 -20.12 -7.42 6.73
N VAL B 134 -19.93 -7.91 5.50
CA VAL B 134 -18.90 -7.39 4.60
C VAL B 134 -19.21 -5.94 4.24
N SER B 135 -20.44 -5.48 4.50
CA SER B 135 -20.74 -4.08 4.23
C SER B 135 -19.84 -3.20 5.08
N GLU B 136 -19.35 -3.76 6.19
CA GLU B 136 -18.49 -3.04 7.12
CA GLU B 136 -18.48 -3.01 7.09
C GLU B 136 -16.99 -3.14 6.80
N LEU B 137 -16.66 -3.82 5.71
CA LEU B 137 -15.24 -4.14 5.42
C LEU B 137 -14.33 -2.91 5.36
N GLU B 138 -14.66 -1.94 4.51
CA GLU B 138 -13.84 -0.74 4.37
C GLU B 138 -13.64 -0.02 5.68
N LYS B 139 -14.73 0.19 6.42
CA LYS B 139 -14.69 0.88 7.70
C LYS B 139 -13.76 0.17 8.67
N PHE B 140 -13.90 -1.15 8.75
CA PHE B 140 -13.08 -1.94 9.66
C PHE B 140 -11.59 -1.92 9.26
N VAL B 141 -11.31 -2.12 7.97
CA VAL B 141 -9.91 -2.14 7.51
C VAL B 141 -9.25 -0.80 7.82
N GLU B 142 -9.97 0.30 7.61
CA GLU B 142 -9.44 1.63 7.92
C GLU B 142 -9.29 1.87 9.42
N GLU B 143 -10.32 1.52 10.18
CA GLU B 143 -10.31 1.83 11.61
C GLU B 143 -9.26 1.03 12.39
N HIS B 144 -8.95 -0.18 11.91
CA HIS B 144 -8.02 -1.04 12.64
C HIS B 144 -6.66 -1.12 12.00
N GLY B 145 -6.45 -0.36 10.93
CA GLY B 145 -5.17 -0.36 10.27
C GLY B 145 -4.77 -1.74 9.75
N VAL B 146 -5.74 -2.49 9.21
CA VAL B 146 -5.47 -3.85 8.74
C VAL B 146 -4.47 -3.82 7.59
N GLU B 147 -3.48 -4.70 7.63
CA GLU B 147 -2.43 -4.68 6.62
C GLU B 147 -2.65 -5.66 5.47
N ILE B 148 -3.18 -6.84 5.79
CA ILE B 148 -3.33 -7.91 4.82
C ILE B 148 -4.79 -8.37 4.72
N GLY B 149 -5.26 -8.49 3.48
CA GLY B 149 -6.60 -8.99 3.21
C GLY B 149 -6.46 -10.37 2.59
N VAL B 150 -7.20 -11.34 3.13
CA VAL B 150 -7.26 -12.68 2.57
C VAL B 150 -8.55 -12.85 1.81
N ILE B 151 -8.44 -13.12 0.52
CA ILE B 151 -9.62 -13.24 -0.30
C ILE B 151 -10.01 -14.70 -0.42
N ALA B 152 -11.17 -15.06 0.16
CA ALA B 152 -11.63 -16.44 0.12
C ALA B 152 -13.06 -16.49 -0.34
N VAL B 153 -13.34 -15.75 -1.40
CA VAL B 153 -14.67 -15.73 -2.00
C VAL B 153 -14.55 -16.38 -3.37
N PRO B 154 -15.68 -16.73 -3.99
CA PRO B 154 -15.63 -17.28 -5.35
C PRO B 154 -15.04 -16.29 -6.37
N ALA B 155 -14.55 -16.81 -7.48
CA ALA B 155 -13.84 -16.02 -8.49
C ALA B 155 -14.63 -14.80 -8.94
N GLU B 156 -15.95 -14.96 -9.00
CA GLU B 156 -16.85 -13.93 -9.53
C GLU B 156 -16.79 -12.60 -8.78
N HIS B 157 -16.54 -12.65 -7.48
CA HIS B 157 -16.53 -11.42 -6.69
C HIS B 157 -15.13 -11.04 -6.19
N ALA B 158 -14.11 -11.80 -6.59
CA ALA B 158 -12.74 -11.63 -6.10
C ALA B 158 -12.15 -10.27 -6.47
N GLN B 159 -12.33 -9.87 -7.72
CA GLN B 159 -11.77 -8.59 -8.17
C GLN B 159 -12.47 -7.46 -7.41
N GLU B 160 -13.78 -7.54 -7.24
CA GLU B 160 -14.51 -6.50 -6.51
C GLU B 160 -14.05 -6.40 -5.06
N ILE B 161 -13.93 -7.54 -4.39
CA ILE B 161 -13.43 -7.52 -3.03
C ILE B 161 -12.01 -6.91 -2.96
N ALA B 162 -11.18 -7.27 -3.92
CA ALA B 162 -9.78 -6.80 -3.92
C ALA B 162 -9.73 -5.28 -4.04
N GLU B 163 -10.56 -4.72 -4.91
CA GLU B 163 -10.63 -3.28 -5.10
C GLU B 163 -11.12 -2.56 -3.83
N ARG B 164 -12.12 -3.14 -3.15
CA ARG B 164 -12.57 -2.57 -1.88
C ARG B 164 -11.47 -2.61 -0.81
N LEU B 165 -10.73 -3.71 -0.75
CA LEU B 165 -9.63 -3.80 0.22
C LEU B 165 -8.56 -2.74 -0.07
N GLU B 166 -8.13 -2.62 -1.32
CA GLU B 166 -7.05 -1.67 -1.58
C GLU B 166 -7.59 -0.23 -1.40
N LYS B 167 -8.86 0.01 -1.73
CA LYS B 167 -9.47 1.33 -1.50
C LYS B 167 -9.50 1.70 -0.03
N ALA B 168 -9.65 0.67 0.81
CA ALA B 168 -9.71 0.82 2.27
C ALA B 168 -8.35 0.95 2.91
N GLY B 169 -7.29 0.81 2.11
CA GLY B 169 -5.93 0.93 2.61
C GLY B 169 -5.19 -0.37 2.91
N ILE B 170 -5.70 -1.50 2.41
CA ILE B 170 -4.96 -2.77 2.54
C ILE B 170 -3.59 -2.62 1.87
N LYS B 171 -2.57 -3.26 2.44
CA LYS B 171 -1.20 -3.17 1.90
C LYS B 171 -0.76 -4.40 1.08
N GLY B 172 -1.46 -5.51 1.27
CA GLY B 172 -1.17 -6.72 0.54
C GLY B 172 -2.34 -7.68 0.61
N ILE B 173 -2.42 -8.58 -0.37
CA ILE B 173 -3.51 -9.53 -0.45
C ILE B 173 -2.99 -10.95 -0.63
N LEU B 174 -3.52 -11.86 0.18
CA LEU B 174 -3.36 -13.30 -0.02
C LEU B 174 -4.63 -13.80 -0.69
N ASN B 175 -4.49 -14.29 -1.91
CA ASN B 175 -5.65 -14.63 -2.73
C ASN B 175 -5.82 -16.14 -2.94
N PHE B 176 -6.96 -16.66 -2.46
CA PHE B 176 -7.35 -18.07 -2.69
C PHE B 176 -8.36 -18.23 -3.82
N ALA B 177 -8.85 -17.13 -4.40
CA ALA B 177 -9.82 -17.28 -5.48
C ALA B 177 -9.09 -17.65 -6.78
N PRO B 178 -9.66 -18.58 -7.58
CA PRO B 178 -9.05 -19.03 -8.84
C PRO B 178 -9.19 -18.00 -9.93
N VAL B 179 -8.54 -16.87 -9.71
CA VAL B 179 -8.55 -15.78 -10.67
C VAL B 179 -7.34 -14.91 -10.34
N LYS B 180 -6.81 -14.24 -11.34
CA LYS B 180 -5.71 -13.33 -11.11
C LYS B 180 -6.30 -11.96 -10.85
N ILE B 181 -6.03 -11.41 -9.68
CA ILE B 181 -6.64 -10.12 -9.36
C ILE B 181 -5.72 -9.01 -9.84
N LYS B 182 -6.31 -7.89 -10.24
CA LYS B 182 -5.51 -6.78 -10.76
C LYS B 182 -5.67 -5.56 -9.88
N VAL B 183 -4.67 -5.36 -9.03
CA VAL B 183 -4.66 -4.28 -8.06
C VAL B 183 -3.25 -3.70 -8.03
N SER B 184 -3.09 -2.59 -7.31
CA SER B 184 -1.77 -1.97 -7.21
C SER B 184 -0.92 -2.64 -6.14
N VAL B 185 -1.56 -3.13 -5.08
CA VAL B 185 -0.83 -3.75 -3.98
C VAL B 185 -0.29 -5.13 -4.38
N PRO B 186 0.73 -5.62 -3.67
CA PRO B 186 1.23 -6.96 -3.98
C PRO B 186 0.20 -8.03 -3.68
N VAL B 187 0.23 -9.11 -4.43
CA VAL B 187 -0.68 -10.24 -4.24
C VAL B 187 0.10 -11.55 -4.21
N GLU B 188 -0.21 -12.42 -3.26
CA GLU B 188 0.30 -13.80 -3.28
C GLU B 188 -0.91 -14.70 -3.47
N ASN B 189 -0.83 -15.61 -4.42
CA ASN B 189 -1.95 -16.50 -4.68
C ASN B 189 -1.70 -17.88 -4.09
N ILE B 190 -2.73 -18.48 -3.52
CA ILE B 190 -2.67 -19.90 -3.21
C ILE B 190 -3.78 -20.59 -3.98
N ASP B 191 -3.42 -21.61 -4.75
CA ASP B 191 -4.39 -22.34 -5.57
C ASP B 191 -4.02 -23.83 -5.54
N ILE B 192 -4.76 -24.64 -4.79
CA ILE B 192 -4.37 -26.03 -4.64
C ILE B 192 -4.35 -26.70 -6.01
N THR B 193 -5.29 -26.34 -6.90
CA THR B 193 -5.30 -26.92 -8.24
C THR B 193 -4.04 -26.56 -9.01
N ALA B 194 -3.60 -25.31 -8.94
CA ALA B 194 -2.34 -24.93 -9.62
C ALA B 194 -1.13 -25.72 -9.06
N SER B 195 -1.11 -25.88 -7.73
CA SER B 195 -0.02 -26.62 -7.09
C SER B 195 -0.01 -28.06 -7.54
N LEU B 196 -1.19 -28.66 -7.64
CA LEU B 196 -1.33 -30.02 -8.11
C LEU B 196 -0.88 -30.17 -9.55
N ARG B 197 -1.15 -29.17 -10.37
CA ARG B 197 -0.74 -29.21 -11.77
C ARG B 197 0.79 -29.17 -11.85
N VAL B 198 1.42 -28.33 -11.04
CA VAL B 198 2.87 -28.31 -10.93
C VAL B 198 3.39 -29.68 -10.50
N LEU B 199 2.76 -30.25 -9.47
CA LEU B 199 3.21 -31.55 -8.94
C LEU B 199 3.11 -32.64 -9.99
N THR B 200 1.96 -32.74 -10.65
CA THR B 200 1.77 -33.78 -11.66
C THR B 200 2.66 -33.59 -12.88
N PHE B 201 2.93 -32.35 -13.25
CA PHE B 201 3.87 -32.17 -14.34
C PHE B 201 5.23 -32.77 -13.96
N GLU B 202 5.67 -32.53 -12.73
CA GLU B 202 6.95 -33.05 -12.26
C GLU B 202 6.96 -34.57 -12.14
N ILE B 203 5.85 -35.16 -11.75
CA ILE B 203 5.74 -36.61 -11.72
C ILE B 203 5.92 -37.18 -13.10
N VAL B 204 5.15 -36.65 -14.05
CA VAL B 204 5.20 -37.16 -15.41
C VAL B 204 6.57 -36.90 -16.03
N ARG B 205 7.14 -35.73 -15.75
CA ARG B 205 8.45 -35.37 -16.27
C ARG B 205 9.55 -36.40 -15.91
N ARG B 206 9.42 -37.07 -14.77
CA ARG B 206 10.44 -38.06 -14.35
C ARG B 206 10.53 -39.29 -15.27
N ASN B 207 9.51 -39.50 -16.11
CA ASN B 207 9.46 -40.69 -16.96
C ASN B 207 10.40 -40.53 -18.15
N SER B 208 11.22 -41.54 -18.42
CA SER B 208 12.17 -41.49 -19.55
C SER B 208 12.18 -42.74 -20.43
N LEU C 13 -20.56 34.33 -5.55
CA LEU C 13 -21.46 33.20 -5.74
C LEU C 13 -20.75 31.89 -5.40
N VAL C 14 -19.48 31.81 -5.78
CA VAL C 14 -18.66 30.67 -5.40
C VAL C 14 -18.48 30.69 -3.89
N SER C 15 -18.26 31.86 -3.35
CA SER C 15 -18.06 32.03 -1.92
C SER C 15 -19.30 31.60 -1.14
N TYR C 16 -20.47 31.83 -1.72
CA TYR C 16 -21.74 31.45 -1.11
C TYR C 16 -21.84 29.94 -0.97
N TYR C 17 -21.70 29.24 -2.10
CA TYR C 17 -21.76 27.79 -2.16
C TYR C 17 -20.77 27.16 -1.19
N MET C 18 -19.58 27.72 -1.10
CA MET C 18 -18.57 27.16 -0.21
C MET C 18 -18.99 27.35 1.25
N CYS C 19 -19.49 28.53 1.57
CA CYS C 19 -19.94 28.80 2.92
C CYS C 19 -21.12 27.91 3.33
N LEU C 20 -21.96 27.57 2.35
CA LEU C 20 -23.17 26.79 2.60
C LEU C 20 -22.85 25.31 2.79
N GLU C 21 -21.88 24.83 2.02
CA GLU C 21 -21.48 23.42 2.04
C GLU C 21 -20.97 22.98 3.40
N ARG C 22 -20.56 23.96 4.22
CA ARG C 22 -20.06 23.69 5.56
C ARG C 22 -21.10 24.03 6.62
N LEU C 23 -22.11 24.81 6.23
CA LEU C 23 -23.19 25.18 7.13
C LEU C 23 -23.97 23.93 7.52
N LEU C 24 -23.87 22.91 6.67
CA LEU C 24 -24.45 21.60 6.96
C LEU C 24 -23.71 20.95 8.13
N ASP C 25 -24.19 21.21 9.33
CA ASP C 25 -23.56 20.76 10.57
C ASP C 25 -22.09 21.15 10.63
N ASN C 65 -32.36 31.35 2.92
CA ASN C 65 -32.41 31.17 4.37
C ASN C 65 -32.28 29.69 4.73
N VAL C 66 -32.54 28.82 3.77
CA VAL C 66 -32.38 27.38 3.97
C VAL C 66 -31.14 26.86 3.25
N GLU C 67 -30.83 25.58 3.47
CA GLU C 67 -29.75 24.92 2.76
C GLU C 67 -30.25 24.41 1.41
N HIS C 68 -31.26 25.09 0.88
CA HIS C 68 -31.73 24.87 -0.48
C HIS C 68 -31.01 25.82 -1.43
N LEU C 69 -30.38 26.84 -0.86
CA LEU C 69 -29.58 27.78 -1.63
C LEU C 69 -28.31 27.10 -2.13
N TYR C 70 -27.77 26.19 -1.33
CA TYR C 70 -26.52 25.50 -1.66
C TYR C 70 -26.57 24.84 -3.03
N ASP C 71 -27.48 23.88 -3.20
CA ASP C 71 -27.58 23.14 -4.45
C ASP C 71 -28.07 24.02 -5.60
N ALA C 72 -28.98 24.94 -5.30
CA ALA C 72 -29.50 25.87 -6.32
C ALA C 72 -28.35 26.69 -6.89
N ILE C 73 -27.48 27.15 -6.01
CA ILE C 73 -26.27 27.85 -6.43
C ILE C 73 -25.38 26.89 -7.20
N GLY C 74 -25.40 25.62 -6.82
CA GLY C 74 -24.59 24.61 -7.47
C GLY C 74 -24.93 24.41 -8.93
N GLU C 75 -26.22 24.21 -9.21
CA GLU C 75 -26.72 24.08 -10.57
C GLU C 75 -26.37 25.32 -11.39
N ILE C 76 -26.55 26.49 -10.77
CA ILE C 76 -26.18 27.76 -11.38
C ILE C 76 -24.68 27.83 -11.62
N LEU C 77 -23.90 27.38 -10.65
CA LEU C 77 -22.44 27.41 -10.74
C LEU C 77 -21.88 26.30 -11.63
N GLY C 78 -22.76 25.47 -12.15
CA GLY C 78 -22.36 24.37 -13.02
C GLY C 78 -21.50 23.37 -12.28
N VAL C 79 -21.83 23.11 -11.01
CA VAL C 79 -21.03 22.21 -10.20
C VAL C 79 -20.99 20.80 -10.79
N LYS C 80 -19.80 20.22 -10.84
CA LYS C 80 -19.66 18.83 -11.25
C LYS C 80 -19.32 18.01 -10.01
N LYS C 81 -19.94 16.85 -9.90
CA LYS C 81 -19.78 16.02 -8.70
C LYS C 81 -18.36 15.48 -8.57
N GLU C 82 -17.89 14.74 -9.57
CA GLU C 82 -16.61 14.04 -9.41
C GLU C 82 -15.54 14.50 -10.40
N TRP C 83 -14.28 14.36 -9.99
CA TRP C 83 -13.12 14.83 -10.75
C TRP C 83 -11.94 13.88 -10.61
N LYS C 84 -11.20 13.71 -11.70
CA LYS C 84 -10.03 12.82 -11.66
C LYS C 84 -8.76 13.65 -11.56
N LEU C 85 -7.87 13.22 -10.67
CA LEU C 85 -6.65 13.96 -10.38
C LEU C 85 -5.42 13.09 -10.58
N VAL C 86 -4.30 13.72 -10.88
CA VAL C 86 -3.01 13.06 -10.69
C VAL C 86 -2.11 14.00 -9.91
N VAL C 87 -1.20 13.40 -9.17
CA VAL C 87 -0.21 14.16 -8.43
C VAL C 87 1.16 13.95 -9.09
N VAL C 88 1.90 15.01 -9.35
CA VAL C 88 3.26 14.87 -9.84
C VAL C 88 4.23 15.26 -8.72
N GLY C 89 5.08 14.32 -8.30
CA GLY C 89 5.97 14.49 -7.17
C GLY C 89 5.53 13.61 -6.01
N ALA C 90 6.24 12.51 -5.80
CA ALA C 90 5.90 11.60 -4.72
C ALA C 90 6.80 11.86 -3.53
N GLY C 91 7.07 13.14 -3.29
CA GLY C 91 7.78 13.55 -2.10
C GLY C 91 6.79 13.70 -0.96
N ASN C 92 7.25 14.33 0.11
CA ASN C 92 6.47 14.49 1.31
C ASN C 92 5.07 15.11 1.04
N ILE C 93 5.01 16.23 0.33
CA ILE C 93 3.72 16.89 0.06
C ILE C 93 2.85 16.10 -0.93
N GLY C 94 3.48 15.55 -1.97
CA GLY C 94 2.76 14.75 -2.96
C GLY C 94 2.03 13.56 -2.34
N ARG C 95 2.75 12.78 -1.53
CA ARG C 95 2.14 11.67 -0.80
C ARG C 95 1.03 12.10 0.16
N ALA C 96 1.23 13.22 0.86
CA ALA C 96 0.17 13.76 1.72
C ALA C 96 -1.12 14.03 0.95
N VAL C 97 -1.01 14.70 -0.18
CA VAL C 97 -2.18 14.97 -1.00
C VAL C 97 -2.86 13.68 -1.51
N ALA C 98 -2.05 12.71 -1.94
CA ALA C 98 -2.56 11.40 -2.37
C ALA C 98 -3.30 10.68 -1.24
N ASN C 99 -2.98 11.03 -0.01
CA ASN C 99 -3.56 10.33 1.14
C ASN C 99 -4.65 11.14 1.81
N TYR C 100 -4.92 12.34 1.29
CA TYR C 100 -5.84 13.26 1.93
C TYR C 100 -7.26 12.76 1.71
N THR C 101 -7.78 12.03 2.70
CA THR C 101 -9.05 11.32 2.55
C THR C 101 -10.25 12.26 2.39
N VAL C 102 -10.22 13.37 3.11
CA VAL C 102 -11.32 14.35 3.10
C VAL C 102 -11.78 14.72 1.69
N MET C 103 -10.82 15.00 0.82
CA MET C 103 -11.13 15.44 -0.54
C MET C 103 -11.85 14.38 -1.35
N LYS C 104 -11.57 13.11 -1.05
CA LYS C 104 -12.15 12.01 -1.80
C LYS C 104 -13.65 11.94 -1.61
N GLU C 105 -14.09 12.26 -0.40
CA GLU C 105 -15.51 12.26 -0.07
C GLU C 105 -16.28 13.33 -0.85
N LYS C 106 -15.58 14.35 -1.31
CA LYS C 106 -16.23 15.44 -2.03
C LYS C 106 -16.06 15.35 -3.54
N GLY C 107 -15.51 14.23 -4.01
CA GLY C 107 -15.52 13.92 -5.42
C GLY C 107 -14.17 14.11 -6.13
N PHE C 108 -13.11 14.32 -5.37
CA PHE C 108 -11.80 14.49 -5.97
C PHE C 108 -11.01 13.21 -5.78
N ARG C 109 -10.89 12.42 -6.85
CA ARG C 109 -10.21 11.14 -6.78
C ARG C 109 -8.81 11.22 -7.37
N ILE C 110 -7.79 10.95 -6.57
CA ILE C 110 -6.43 10.82 -7.08
C ILE C 110 -6.25 9.43 -7.69
N ILE C 111 -6.17 9.33 -9.02
CA ILE C 111 -6.05 8.03 -9.67
C ILE C 111 -4.61 7.67 -10.08
N GLY C 112 -3.67 8.59 -9.87
CA GLY C 112 -2.27 8.31 -10.13
C GLY C 112 -1.33 9.30 -9.48
N ILE C 113 -0.10 8.86 -9.19
CA ILE C 113 0.96 9.71 -8.65
C ILE C 113 2.29 9.31 -9.30
N PHE C 114 3.06 10.31 -9.71
CA PHE C 114 4.18 10.11 -10.62
C PHE C 114 5.45 10.72 -10.03
N ASP C 115 6.58 10.05 -10.24
CA ASP C 115 7.89 10.57 -9.85
C ASP C 115 8.95 10.06 -10.83
N SER C 116 10.10 10.72 -10.90
CA SER C 116 11.19 10.26 -11.78
C SER C 116 12.20 9.36 -11.05
N ASP C 117 12.19 9.41 -9.72
CA ASP C 117 13.16 8.69 -8.90
C ASP C 117 12.86 7.21 -8.88
N PRO C 118 13.78 6.39 -9.42
CA PRO C 118 13.57 4.95 -9.48
C PRO C 118 13.46 4.30 -8.11
N SER C 119 13.95 4.96 -7.07
CA SER C 119 13.82 4.40 -5.72
C SER C 119 12.44 4.76 -5.11
N LYS C 120 11.70 5.64 -5.78
CA LYS C 120 10.31 5.95 -5.39
C LYS C 120 9.32 5.23 -6.29
N ILE C 121 9.64 5.09 -7.57
CA ILE C 121 8.77 4.40 -8.53
C ILE C 121 8.52 2.97 -8.06
N GLY C 122 7.26 2.56 -8.05
CA GLY C 122 6.90 1.22 -7.63
C GLY C 122 6.67 1.05 -6.13
N LYS C 123 6.93 2.10 -5.35
CA LYS C 123 6.66 2.03 -3.92
C LYS C 123 5.20 2.35 -3.60
N GLU C 124 4.74 1.91 -2.43
CA GLU C 124 3.39 2.20 -1.96
C GLU C 124 3.20 3.69 -1.66
N ALA C 125 2.24 4.35 -2.30
CA ALA C 125 2.04 5.78 -2.09
C ALA C 125 0.86 6.08 -1.15
N ALA C 126 -0.26 5.41 -1.42
CA ALA C 126 -1.54 5.71 -0.78
C ALA C 126 -2.45 4.52 -1.09
N PRO C 127 -3.67 4.47 -0.48
CA PRO C 127 -4.60 3.38 -0.82
C PRO C 127 -4.80 3.21 -2.32
N GLY C 128 -4.60 2.01 -2.81
CA GLY C 128 -4.80 1.75 -4.22
C GLY C 128 -3.80 2.43 -5.14
N LEU C 129 -2.73 3.02 -4.59
CA LEU C 129 -1.76 3.75 -5.42
C LEU C 129 -0.30 3.37 -5.17
N THR C 130 0.41 3.01 -6.25
CA THR C 130 1.85 2.90 -6.18
C THR C 130 2.40 4.01 -7.07
N VAL C 131 3.61 4.47 -6.75
CA VAL C 131 4.23 5.56 -7.50
C VAL C 131 4.49 5.08 -8.92
N SER C 132 4.01 5.84 -9.89
CA SER C 132 4.28 5.55 -11.30
C SER C 132 5.44 6.37 -11.85
N ASP C 133 6.05 5.88 -12.92
CA ASP C 133 7.09 6.59 -13.63
C ASP C 133 6.53 7.81 -14.36
N VAL C 134 7.09 8.98 -14.04
CA VAL C 134 6.66 10.26 -14.61
C VAL C 134 6.86 10.36 -16.12
N SER C 135 7.65 9.46 -16.69
CA SER C 135 7.76 9.38 -18.15
C SER C 135 6.36 9.16 -18.71
N GLU C 136 5.59 8.34 -18.02
CA GLU C 136 4.30 7.91 -18.51
C GLU C 136 3.17 8.90 -18.18
N LEU C 137 3.52 10.14 -17.87
CA LEU C 137 2.55 11.11 -17.37
C LEU C 137 1.54 11.53 -18.44
N GLU C 138 2.01 12.01 -19.58
CA GLU C 138 1.12 12.51 -20.62
C GLU C 138 0.22 11.38 -21.13
N LYS C 139 0.81 10.20 -21.30
CA LYS C 139 0.08 9.03 -21.74
C LYS C 139 -1.02 8.60 -20.74
N PHE C 140 -0.78 8.78 -19.44
CA PHE C 140 -1.78 8.45 -18.42
C PHE C 140 -2.85 9.53 -18.38
N VAL C 141 -2.43 10.78 -18.47
CA VAL C 141 -3.35 11.91 -18.46
C VAL C 141 -4.32 11.82 -19.63
N GLU C 142 -3.79 11.55 -20.82
CA GLU C 142 -4.64 11.47 -22.01
C GLU C 142 -5.56 10.26 -21.91
N GLU C 143 -4.98 9.10 -21.66
CA GLU C 143 -5.73 7.85 -21.57
C GLU C 143 -6.89 7.88 -20.58
N HIS C 144 -6.67 8.43 -19.39
CA HIS C 144 -7.68 8.42 -18.34
C HIS C 144 -8.53 9.70 -18.33
N GLY C 145 -8.22 10.63 -19.23
CA GLY C 145 -8.92 11.90 -19.27
C GLY C 145 -8.88 12.63 -17.94
N VAL C 146 -7.69 12.74 -17.36
CA VAL C 146 -7.49 13.42 -16.09
C VAL C 146 -7.71 14.91 -16.24
N GLU C 147 -8.56 15.49 -15.39
CA GLU C 147 -8.90 16.91 -15.51
C GLU C 147 -7.96 17.81 -14.72
N ILE C 148 -7.50 17.34 -13.56
CA ILE C 148 -6.75 18.18 -12.66
C ILE C 148 -5.38 17.60 -12.30
N GLY C 149 -4.34 18.40 -12.49
CA GLY C 149 -2.99 17.97 -12.13
C GLY C 149 -2.53 18.70 -10.89
N VAL C 150 -1.99 17.95 -9.94
CA VAL C 150 -1.45 18.57 -8.74
C VAL C 150 0.08 18.55 -8.82
N ILE C 151 0.67 19.73 -8.75
CA ILE C 151 2.12 19.87 -8.77
C ILE C 151 2.70 19.88 -7.35
N ALA C 152 3.49 18.86 -7.03
CA ALA C 152 4.14 18.78 -5.71
C ALA C 152 5.61 18.46 -5.91
N VAL C 153 6.21 19.12 -6.89
CA VAL C 153 7.64 19.02 -7.17
C VAL C 153 8.34 20.26 -6.64
N PRO C 154 9.67 20.21 -6.51
CA PRO C 154 10.33 21.44 -6.09
C PRO C 154 10.16 22.58 -7.11
N ALA C 155 10.36 23.81 -6.65
CA ALA C 155 10.15 25.00 -7.47
C ALA C 155 10.86 24.94 -8.82
N GLU C 156 12.05 24.34 -8.85
CA GLU C 156 12.89 24.32 -10.05
C GLU C 156 12.23 23.61 -11.23
N HIS C 157 11.27 22.74 -10.94
CA HIS C 157 10.69 21.92 -11.98
C HIS C 157 9.19 22.14 -12.14
N ALA C 158 8.65 23.07 -11.35
CA ALA C 158 7.22 23.31 -11.35
C ALA C 158 6.72 23.75 -12.72
N GLN C 159 7.45 24.65 -13.36
CA GLN C 159 7.02 25.20 -14.64
C GLN C 159 7.08 24.12 -15.71
N GLU C 160 8.21 23.42 -15.76
CA GLU C 160 8.36 22.30 -16.69
C GLU C 160 7.21 21.29 -16.57
N ILE C 161 6.88 20.91 -15.33
CA ILE C 161 5.75 20.00 -15.11
C ILE C 161 4.44 20.64 -15.50
N ALA C 162 4.30 21.92 -15.22
CA ALA C 162 3.06 22.66 -15.53
C ALA C 162 2.77 22.61 -17.03
N GLU C 163 3.83 22.74 -17.83
CA GLU C 163 3.69 22.72 -19.27
C GLU C 163 3.41 21.32 -19.79
N ARG C 164 4.01 20.31 -19.20
CA ARG C 164 3.74 18.93 -19.61
C ARG C 164 2.30 18.55 -19.33
N LEU C 165 1.79 18.99 -18.19
CA LEU C 165 0.38 18.78 -17.83
C LEU C 165 -0.54 19.52 -18.81
N GLU C 166 -0.21 20.76 -19.10
CA GLU C 166 -1.01 21.55 -20.03
C GLU C 166 -1.04 20.85 -21.41
N LYS C 167 0.13 20.52 -21.92
CA LYS C 167 0.25 19.80 -23.19
C LYS C 167 -0.54 18.49 -23.21
N ALA C 168 -0.61 17.81 -22.07
CA ALA C 168 -1.25 16.49 -21.99
C ALA C 168 -2.77 16.59 -21.94
N GLY C 169 -3.29 17.82 -21.90
CA GLY C 169 -4.73 18.03 -21.90
C GLY C 169 -5.36 18.12 -20.51
N ILE C 170 -4.63 18.68 -19.55
CA ILE C 170 -5.18 18.88 -18.21
C ILE C 170 -6.08 20.12 -18.22
N LYS C 171 -7.18 20.05 -17.47
CA LYS C 171 -8.14 21.15 -17.43
C LYS C 171 -7.77 22.18 -16.38
N GLY C 172 -7.06 21.75 -15.34
CA GLY C 172 -6.65 22.68 -14.30
C GLY C 172 -5.52 22.20 -13.40
N ILE C 173 -4.91 23.14 -12.68
CA ILE C 173 -3.74 22.82 -11.86
C ILE C 173 -3.86 23.32 -10.43
N LEU C 174 -3.58 22.44 -9.47
CA LEU C 174 -3.38 22.84 -8.08
C LEU C 174 -1.88 22.82 -7.82
N ASN C 175 -1.31 23.96 -7.47
CA ASN C 175 0.14 24.09 -7.39
C ASN C 175 0.65 24.29 -5.96
N PHE C 176 1.45 23.34 -5.50
CA PHE C 176 2.03 23.39 -4.15
C PHE C 176 3.47 23.92 -4.18
N ALA C 177 4.04 24.10 -5.36
CA ALA C 177 5.41 24.62 -5.43
C ALA C 177 5.42 26.13 -5.17
N PRO C 178 6.40 26.60 -4.38
CA PRO C 178 6.52 28.01 -4.03
C PRO C 178 7.06 28.85 -5.20
N VAL C 179 6.19 29.01 -6.20
CA VAL C 179 6.53 29.70 -7.42
C VAL C 179 5.22 29.97 -8.15
N LYS C 180 5.16 31.04 -8.93
CA LYS C 180 3.99 31.29 -9.77
C LYS C 180 4.22 30.61 -11.11
N ILE C 181 3.35 29.65 -11.45
CA ILE C 181 3.50 28.96 -12.72
C ILE C 181 2.71 29.68 -13.81
N LYS C 182 3.38 29.97 -14.91
CA LYS C 182 2.73 30.64 -16.02
C LYS C 182 2.18 29.62 -17.00
N VAL C 183 0.87 29.41 -16.98
CA VAL C 183 0.20 28.58 -17.98
C VAL C 183 -1.09 29.26 -18.40
N SER C 184 -1.87 28.59 -19.25
CA SER C 184 -3.12 29.18 -19.74
C SER C 184 -4.33 28.56 -19.08
N VAL C 185 -4.17 27.36 -18.53
CA VAL C 185 -5.24 26.74 -17.76
C VAL C 185 -5.32 27.43 -16.40
N PRO C 186 -6.49 27.33 -15.73
CA PRO C 186 -6.64 27.81 -14.35
C PRO C 186 -5.61 27.20 -13.39
N VAL C 187 -5.04 28.06 -12.56
CA VAL C 187 -4.12 27.65 -11.51
C VAL C 187 -4.64 28.06 -10.13
N GLU C 188 -4.61 27.14 -9.18
CA GLU C 188 -4.83 27.51 -7.79
C GLU C 188 -3.58 27.13 -7.00
N ASN C 189 -3.07 28.08 -6.26
CA ASN C 189 -1.86 27.90 -5.47
C ASN C 189 -2.16 27.65 -4.02
N ILE C 190 -1.49 26.64 -3.46
CA ILE C 190 -1.45 26.50 -2.01
C ILE C 190 0.01 26.66 -1.59
N ASP C 191 0.30 27.78 -0.93
CA ASP C 191 1.65 28.11 -0.48
C ASP C 191 1.65 28.17 1.03
N ILE C 192 2.09 27.09 1.68
CA ILE C 192 1.96 26.96 3.14
C ILE C 192 2.80 28.05 3.83
N THR C 193 3.98 28.31 3.30
CA THR C 193 4.87 29.31 3.87
C THR C 193 4.32 30.71 3.69
N ALA C 194 3.66 30.97 2.57
CA ALA C 194 3.06 32.28 2.37
C ALA C 194 1.89 32.45 3.35
N SER C 195 1.19 31.36 3.66
CA SER C 195 0.11 31.42 4.62
C SER C 195 0.68 31.68 6.01
N LEU C 196 1.85 31.12 6.28
CA LEU C 196 2.51 31.35 7.57
C LEU C 196 3.00 32.79 7.72
N ARG C 197 3.43 33.40 6.62
CA ARG C 197 3.89 34.80 6.66
C ARG C 197 2.75 35.77 6.93
N VAL C 198 1.60 35.49 6.32
CA VAL C 198 0.37 36.21 6.66
C VAL C 198 0.12 36.13 8.16
N LEU C 199 0.23 34.92 8.70
CA LEU C 199 0.06 34.70 10.14
C LEU C 199 1.08 35.49 10.97
N THR C 200 2.36 35.44 10.63
CA THR C 200 3.34 36.16 11.45
C THR C 200 3.20 37.69 11.31
N PHE C 201 2.75 38.16 10.15
CA PHE C 201 2.39 39.56 10.01
C PHE C 201 1.36 39.94 11.08
N GLU C 202 0.30 39.14 11.20
CA GLU C 202 -0.76 39.44 12.15
C GLU C 202 -0.25 39.36 13.58
N ILE C 203 0.64 38.41 13.84
CA ILE C 203 1.22 38.24 15.16
C ILE C 203 2.09 39.45 15.52
N VAL C 204 2.91 39.88 14.56
CA VAL C 204 3.77 41.04 14.73
C VAL C 204 2.93 42.32 14.85
N ARG C 205 1.85 42.41 14.07
CA ARG C 205 1.00 43.59 14.07
C ARG C 205 0.14 43.69 15.32
N ARG C 206 -0.27 42.54 15.86
CA ARG C 206 -1.09 42.49 17.07
C ARG C 206 -0.29 42.94 18.29
N ASN C 207 1.02 42.71 18.25
CA ASN C 207 1.89 43.13 19.35
C ASN C 207 2.75 44.31 18.92
N PRO D 8 -6.40 40.69 3.53
CA PRO D 8 -6.65 41.47 2.30
C PRO D 8 -5.41 42.23 1.83
N VAL D 9 -4.96 43.20 2.61
CA VAL D 9 -3.75 43.94 2.31
C VAL D 9 -2.52 43.14 2.76
N SER D 10 -2.71 42.33 3.80
CA SER D 10 -1.65 41.46 4.31
C SER D 10 -1.12 40.55 3.22
N LYS D 11 -2.02 39.98 2.43
CA LYS D 11 -1.64 39.15 1.30
C LYS D 11 -0.82 39.95 0.30
N ARG D 12 -1.17 41.22 0.13
CA ARG D 12 -0.46 42.09 -0.81
C ARG D 12 0.95 42.40 -0.31
N LEU D 13 1.08 42.61 1.00
CA LEU D 13 2.39 42.85 1.60
C LEU D 13 3.35 41.70 1.36
N VAL D 14 2.86 40.48 1.59
CA VAL D 14 3.59 39.26 1.32
C VAL D 14 3.97 39.23 -0.15
N SER D 15 3.10 39.79 -0.98
CA SER D 15 3.35 39.81 -2.42
C SER D 15 4.43 40.83 -2.80
N TYR D 16 4.38 42.00 -2.17
CA TYR D 16 5.35 43.07 -2.42
C TYR D 16 6.75 42.58 -2.12
N TYR D 17 6.86 41.88 -0.99
CA TYR D 17 8.11 41.28 -0.54
C TYR D 17 8.63 40.25 -1.54
N MET D 18 7.76 39.33 -1.96
CA MET D 18 8.15 38.27 -2.88
C MET D 18 8.49 38.83 -4.25
N CYS D 19 8.03 40.04 -4.52
CA CYS D 19 8.33 40.69 -5.79
C CYS D 19 9.61 41.52 -5.68
N LEU D 20 9.82 42.16 -4.53
CA LEU D 20 11.04 42.92 -4.32
C LEU D 20 12.24 41.97 -4.21
N GLU D 21 11.97 40.73 -3.83
CA GLU D 21 13.02 39.72 -3.75
C GLU D 21 13.56 39.42 -5.15
N ARG D 22 12.66 39.29 -6.12
CA ARG D 22 13.01 39.04 -7.51
C ARG D 22 13.70 40.26 -8.11
N LEU D 23 13.16 41.44 -7.82
CA LEU D 23 13.74 42.69 -8.29
C LEU D 23 15.12 42.95 -7.67
N LEU D 24 15.30 42.48 -6.44
CA LEU D 24 16.58 42.63 -5.75
C LEU D 24 17.62 41.81 -6.48
N ASP D 25 17.25 40.58 -6.84
CA ASP D 25 18.16 39.64 -7.47
C ASP D 25 18.53 40.06 -8.88
N GLU D 26 17.78 41.02 -9.42
CA GLU D 26 18.04 41.52 -10.76
C GLU D 26 19.05 42.66 -10.72
N GLY D 27 19.40 43.10 -9.52
CA GLY D 27 20.32 44.21 -9.36
C GLY D 27 19.66 45.55 -9.60
N VAL D 28 18.33 45.57 -9.47
CA VAL D 28 17.54 46.78 -9.65
C VAL D 28 17.54 47.60 -8.37
N GLU D 29 18.07 48.82 -8.45
CA GLU D 29 18.26 49.66 -7.26
C GLU D 29 16.98 50.39 -6.83
N VAL D 30 16.31 51.04 -7.78
CA VAL D 30 15.07 51.77 -7.48
C VAL D 30 13.90 51.26 -8.32
N VAL D 31 12.69 51.64 -7.93
CA VAL D 31 11.48 51.25 -8.67
C VAL D 31 10.32 52.19 -8.36
N SER D 33 5.97 52.03 -11.91
CA SER D 33 6.99 51.18 -11.32
C SER D 33 6.56 49.71 -11.34
N GLU D 34 6.30 49.16 -10.16
CA GLU D 34 5.89 47.76 -10.03
C GLU D 34 4.40 47.61 -10.24
N GLU D 35 3.74 48.71 -10.60
CA GLU D 35 2.33 48.68 -10.96
C GLU D 35 2.11 47.64 -12.05
N LEU D 36 2.90 47.78 -13.12
CA LEU D 36 2.88 46.81 -14.21
C LEU D 36 3.22 45.42 -13.71
N ALA D 37 4.27 45.34 -12.89
CA ALA D 37 4.83 44.07 -12.47
C ALA D 37 3.85 43.19 -11.70
N ARG D 38 2.96 43.79 -10.91
CA ARG D 38 2.17 43.00 -9.97
C ARG D 38 0.67 42.90 -10.31
N ARG D 39 0.30 43.20 -11.56
CA ARG D 39 -1.10 43.14 -12.00
C ARG D 39 -2.00 43.98 -11.11
N LEU D 40 -1.64 45.25 -10.97
CA LEU D 40 -2.40 46.24 -10.19
C LEU D 40 -1.99 47.63 -10.67
N ASP D 41 -2.40 48.67 -9.93
CA ASP D 41 -2.00 50.04 -10.27
C ASP D 41 -2.38 51.04 -9.17
N LEU D 42 -1.38 51.77 -8.68
CA LEU D 42 -1.60 52.90 -7.76
C LEU D 42 -2.21 52.51 -6.40
N LYS D 43 -2.77 51.31 -6.31
CA LYS D 43 -3.25 50.77 -5.05
C LYS D 43 -2.06 50.41 -4.16
N ALA D 44 -0.95 50.08 -4.82
CA ALA D 44 0.27 49.70 -4.12
C ALA D 44 0.93 50.92 -3.48
N SER D 45 0.70 52.10 -4.06
CA SER D 45 1.29 53.33 -3.55
C SER D 45 0.71 53.72 -2.20
N GLN D 46 -0.59 53.49 -2.03
CA GLN D 46 -1.28 53.79 -0.79
C GLN D 46 -0.70 52.98 0.37
N ILE D 47 -0.58 51.68 0.15
CA ILE D 47 -0.04 50.76 1.16
C ILE D 47 1.36 51.19 1.62
N ARG D 48 2.20 51.59 0.66
CA ARG D 48 3.56 52.02 0.98
C ARG D 48 3.80 53.47 0.59
N TYR D 64 10.82 54.01 -5.24
CA TYR D 64 11.41 53.78 -3.93
C TYR D 64 12.69 52.96 -4.01
N ASN D 65 13.51 53.02 -2.96
CA ASN D 65 14.71 52.19 -2.87
C ASN D 65 14.33 50.72 -2.63
N VAL D 66 14.78 49.84 -3.51
CA VAL D 66 14.39 48.43 -3.46
C VAL D 66 14.90 47.71 -2.21
N GLU D 67 16.18 47.87 -1.90
CA GLU D 67 16.79 47.19 -0.75
C GLU D 67 16.25 47.73 0.57
N HIS D 68 15.56 48.87 0.53
CA HIS D 68 14.97 49.45 1.73
C HIS D 68 13.55 48.93 1.99
N LEU D 69 12.73 48.90 0.94
CA LEU D 69 11.37 48.39 1.04
C LEU D 69 11.36 46.88 1.31
N TYR D 70 12.31 46.16 0.72
CA TYR D 70 12.38 44.72 0.91
C TYR D 70 12.54 44.40 2.40
N ASP D 71 13.54 45.00 3.03
CA ASP D 71 13.83 44.68 4.42
C ASP D 71 12.83 45.31 5.38
N ALA D 72 12.23 46.43 4.98
CA ALA D 72 11.20 47.08 5.79
C ALA D 72 9.94 46.21 5.88
N ILE D 73 9.40 45.86 4.73
CA ILE D 73 8.29 44.93 4.61
C ILE D 73 8.63 43.58 5.26
N GLY D 74 9.91 43.21 5.19
CA GLY D 74 10.40 42.02 5.86
C GLY D 74 10.21 42.07 7.37
N GLU D 75 10.54 43.22 7.97
CA GLU D 75 10.32 43.44 9.40
C GLU D 75 8.84 43.40 9.76
N ILE D 76 8.01 44.03 8.92
CA ILE D 76 6.56 44.03 9.08
C ILE D 76 5.96 42.61 8.96
N LEU D 77 6.55 41.79 8.10
CA LEU D 77 6.01 40.44 7.86
C LEU D 77 6.49 39.45 8.91
N GLY D 78 7.55 39.83 9.63
CA GLY D 78 8.13 38.95 10.63
C GLY D 78 9.04 37.87 10.05
N VAL D 79 9.67 38.14 8.91
CA VAL D 79 10.52 37.16 8.25
C VAL D 79 11.91 37.08 8.87
N LYS D 80 12.30 38.10 9.63
CA LYS D 80 13.67 38.20 10.12
C LYS D 80 13.95 37.25 11.27
N LYS D 81 12.91 36.76 11.93
CA LYS D 81 13.10 35.84 13.05
C LYS D 81 12.63 34.42 12.76
N GLU D 82 13.11 33.46 13.55
CA GLU D 82 12.60 32.11 13.52
C GLU D 82 11.39 32.02 14.44
N TRP D 83 10.45 31.15 14.07
CA TRP D 83 9.25 30.90 14.87
C TRP D 83 9.21 29.46 15.30
N LYS D 84 8.86 29.22 16.56
CA LYS D 84 8.72 27.87 17.08
C LYS D 84 7.30 27.39 16.88
N LEU D 85 7.19 26.22 16.25
CA LEU D 85 5.91 25.61 15.94
C LEU D 85 5.72 24.28 16.67
N VAL D 86 4.49 23.99 17.02
CA VAL D 86 4.07 22.62 17.29
C VAL D 86 3.00 22.26 16.27
N VAL D 87 2.87 20.97 16.04
CA VAL D 87 1.84 20.44 15.17
C VAL D 87 0.93 19.60 16.04
N VAL D 88 -0.39 19.78 15.91
CA VAL D 88 -1.30 18.89 16.62
C VAL D 88 -2.00 17.99 15.60
N GLY D 89 -1.79 16.68 15.78
CA GLY D 89 -2.33 15.68 14.87
C GLY D 89 -1.16 15.10 14.08
N ALA D 90 -0.77 13.86 14.39
CA ALA D 90 0.37 13.23 13.71
C ALA D 90 -0.08 12.28 12.62
N GLY D 91 -1.09 12.68 11.86
CA GLY D 91 -1.55 11.87 10.77
C GLY D 91 -0.85 12.29 9.49
N ASN D 92 -1.53 12.02 8.38
CA ASN D 92 -1.06 12.35 7.07
C ASN D 92 -0.60 13.81 6.89
N ILE D 93 -1.50 14.76 7.15
CA ILE D 93 -1.16 16.19 7.03
C ILE D 93 -0.12 16.63 8.05
N GLY D 94 -0.34 16.27 9.31
CA GLY D 94 0.58 16.63 10.39
C GLY D 94 2.01 16.19 10.13
N ARG D 95 2.19 14.93 9.74
CA ARG D 95 3.54 14.44 9.46
C ARG D 95 4.09 15.15 8.25
N ALA D 96 3.23 15.38 7.26
CA ALA D 96 3.72 16.09 6.06
C ALA D 96 4.26 17.46 6.45
N VAL D 97 3.55 18.20 7.30
CA VAL D 97 4.03 19.51 7.70
C VAL D 97 5.34 19.40 8.49
N ALA D 98 5.42 18.42 9.39
CA ALA D 98 6.62 18.17 10.18
C ALA D 98 7.87 17.92 9.30
N ASN D 99 7.66 17.45 8.07
CA ASN D 99 8.77 17.13 7.18
C ASN D 99 8.96 18.12 6.02
N TYR D 100 8.12 19.14 5.97
CA TYR D 100 8.14 20.10 4.87
C TYR D 100 9.37 21.03 4.94
N THR D 101 10.33 20.79 4.05
CA THR D 101 11.64 21.45 4.13
C THR D 101 11.57 22.95 3.87
N VAL D 102 10.68 23.36 2.99
CA VAL D 102 10.49 24.77 2.65
C VAL D 102 10.19 25.70 3.84
N MET D 103 9.34 25.29 4.78
CA MET D 103 9.03 26.21 5.85
C MET D 103 10.19 26.26 6.85
N LYS D 104 10.88 25.14 7.03
CA LYS D 104 12.13 25.12 7.77
C LYS D 104 13.14 26.12 7.20
N GLU D 105 13.26 26.10 5.87
CA GLU D 105 14.19 26.97 5.17
C GLU D 105 13.78 28.44 5.27
N LYS D 106 12.51 28.71 5.56
CA LYS D 106 12.09 30.11 5.68
C LYS D 106 11.77 30.53 7.12
N GLY D 107 12.30 29.78 8.08
CA GLY D 107 12.28 30.20 9.48
C GLY D 107 11.20 29.64 10.38
N PHE D 108 10.52 28.58 9.97
CA PHE D 108 9.48 27.98 10.82
C PHE D 108 9.93 26.62 11.32
N ARG D 109 10.29 26.54 12.60
CA ARG D 109 10.82 25.30 13.19
C ARG D 109 9.82 24.53 14.02
N ILE D 110 9.49 23.33 13.57
CA ILE D 110 8.60 22.47 14.32
C ILE D 110 9.39 21.81 15.43
N ILE D 111 9.02 22.02 16.70
CA ILE D 111 9.78 21.44 17.81
C ILE D 111 8.97 20.41 18.61
N GLY D 112 7.67 20.33 18.33
CA GLY D 112 6.84 19.32 18.96
C GLY D 112 5.73 18.92 18.00
N ILE D 113 5.31 17.67 18.08
CA ILE D 113 4.12 17.23 17.37
C ILE D 113 3.37 16.28 18.29
N PHE D 114 2.04 16.38 18.31
CA PHE D 114 1.20 15.73 19.32
C PHE D 114 0.06 14.92 18.71
N ASP D 115 -0.43 13.92 19.43
CA ASP D 115 -1.56 13.13 18.96
C ASP D 115 -2.26 12.40 20.10
N SER D 116 -3.52 12.03 19.91
CA SER D 116 -4.24 11.29 20.93
C SER D 116 -4.37 9.80 20.58
N ASP D 117 -3.92 9.41 19.39
CA ASP D 117 -3.89 7.99 19.00
C ASP D 117 -2.65 7.34 19.57
N PRO D 118 -2.84 6.32 20.41
CA PRO D 118 -1.74 5.64 21.09
C PRO D 118 -0.82 4.88 20.13
N SER D 119 -1.34 4.54 18.95
CA SER D 119 -0.51 3.95 17.92
C SER D 119 0.46 4.99 17.34
N LYS D 120 0.03 6.25 17.29
CA LYS D 120 0.84 7.33 16.75
C LYS D 120 1.81 7.89 17.79
N ILE D 121 1.36 7.99 19.03
CA ILE D 121 2.21 8.47 20.12
C ILE D 121 3.47 7.63 20.25
N GLY D 122 4.63 8.28 20.25
CA GLY D 122 5.89 7.55 20.32
C GLY D 122 6.62 7.40 18.99
N LYS D 123 5.89 7.31 17.89
CA LYS D 123 6.49 7.17 16.56
C LYS D 123 7.41 8.34 16.24
N GLU D 124 8.36 8.14 15.33
CA GLU D 124 9.18 9.26 14.89
C GLU D 124 8.52 9.94 13.69
N ALA D 125 8.08 11.17 13.86
CA ALA D 125 7.30 11.83 12.81
C ALA D 125 8.19 12.41 11.73
N ALA D 126 9.34 12.92 12.15
CA ALA D 126 10.32 13.51 11.25
C ALA D 126 11.66 13.26 11.92
N PRO D 127 12.77 13.48 11.21
CA PRO D 127 14.03 13.18 11.89
C PRO D 127 14.20 13.99 13.17
N GLY D 128 14.45 13.30 14.28
CA GLY D 128 14.67 13.95 15.55
C GLY D 128 13.41 14.43 16.23
N LEU D 129 12.26 13.97 15.74
CA LEU D 129 10.99 14.48 16.23
C LEU D 129 10.03 13.37 16.54
N THR D 130 9.87 13.10 17.84
CA THR D 130 8.92 12.08 18.31
C THR D 130 7.56 12.67 18.64
N VAL D 131 6.50 11.99 18.22
CA VAL D 131 5.12 12.34 18.55
C VAL D 131 4.87 12.20 20.05
N SER D 132 4.40 13.29 20.68
CA SER D 132 4.07 13.28 22.11
C SER D 132 2.58 13.08 22.35
N ASP D 133 2.21 12.76 23.59
CA ASP D 133 0.81 12.68 23.96
C ASP D 133 0.28 14.11 23.97
N VAL D 134 -0.87 14.31 23.34
CA VAL D 134 -1.47 15.62 23.23
C VAL D 134 -1.93 16.09 24.62
N SER D 135 -1.91 15.17 25.60
CA SER D 135 -2.19 15.54 26.98
C SER D 135 -1.11 16.47 27.50
N GLU D 136 0.06 16.42 26.88
CA GLU D 136 1.15 17.30 27.31
C GLU D 136 1.18 18.62 26.56
N LEU D 137 0.20 18.83 25.68
CA LEU D 137 0.24 19.95 24.74
C LEU D 137 0.49 21.30 25.40
N GLU D 138 -0.39 21.70 26.33
CA GLU D 138 -0.27 23.02 26.96
C GLU D 138 1.02 23.15 27.76
N LYS D 139 1.33 22.11 28.53
CA LYS D 139 2.58 22.06 29.29
C LYS D 139 3.77 22.33 28.36
N PHE D 140 3.82 21.58 27.26
CA PHE D 140 4.88 21.77 26.27
C PHE D 140 4.89 23.21 25.75
N VAL D 141 3.72 23.70 25.33
CA VAL D 141 3.68 25.02 24.70
C VAL D 141 4.20 26.10 25.68
N GLU D 142 3.76 26.01 26.92
CA GLU D 142 4.20 26.94 27.95
C GLU D 142 5.71 26.86 28.18
N GLU D 143 6.20 25.66 28.47
CA GLU D 143 7.62 25.50 28.85
C GLU D 143 8.60 25.86 27.75
N HIS D 144 8.19 25.77 26.48
CA HIS D 144 9.10 26.06 25.38
C HIS D 144 8.84 27.42 24.74
N GLY D 145 7.78 28.10 25.16
CA GLY D 145 7.41 29.38 24.61
C GLY D 145 7.00 29.31 23.14
N VAL D 146 6.33 28.24 22.76
CA VAL D 146 5.87 28.04 21.37
C VAL D 146 4.98 29.19 20.89
N GLU D 147 5.23 29.66 19.67
CA GLU D 147 4.52 30.79 19.11
C GLU D 147 3.34 30.42 18.19
N ILE D 148 3.54 29.43 17.34
CA ILE D 148 2.52 29.08 16.36
C ILE D 148 2.16 27.62 16.50
N GLY D 149 0.86 27.35 16.46
CA GLY D 149 0.36 25.99 16.50
C GLY D 149 -0.28 25.64 15.16
N VAL D 150 0.04 24.44 14.70
CA VAL D 150 -0.52 23.92 13.46
C VAL D 150 -1.56 22.86 13.80
N ILE D 151 -2.80 23.11 13.40
CA ILE D 151 -3.86 22.17 13.67
C ILE D 151 -4.03 21.27 12.46
N ALA D 152 -3.77 19.99 12.65
CA ALA D 152 -3.92 19.01 11.60
C ALA D 152 -4.73 17.83 12.11
N VAL D 153 -5.91 18.14 12.68
CA VAL D 153 -6.82 17.11 13.16
C VAL D 153 -8.15 17.23 12.42
N PRO D 154 -9.01 16.21 12.51
CA PRO D 154 -10.31 16.36 11.83
C PRO D 154 -11.09 17.54 12.38
N ALA D 155 -12.03 18.04 11.58
CA ALA D 155 -12.81 19.21 11.93
C ALA D 155 -13.49 19.06 13.29
N GLU D 156 -13.79 17.82 13.67
CA GLU D 156 -14.54 17.49 14.89
C GLU D 156 -13.90 18.03 16.19
N HIS D 157 -12.57 18.07 16.24
CA HIS D 157 -11.90 18.43 17.49
C HIS D 157 -11.03 19.68 17.31
N ALA D 158 -11.15 20.32 16.15
CA ALA D 158 -10.27 21.41 15.78
C ALA D 158 -10.46 22.62 16.68
N GLN D 159 -11.71 22.97 16.95
CA GLN D 159 -11.99 24.11 17.80
C GLN D 159 -11.42 23.89 19.19
N GLU D 160 -11.57 22.67 19.71
CA GLU D 160 -11.13 22.35 21.06
C GLU D 160 -9.62 22.47 21.20
N ILE D 161 -8.93 21.91 20.22
CA ILE D 161 -7.47 22.04 20.14
C ILE D 161 -7.08 23.52 20.03
N ALA D 162 -7.79 24.27 19.18
CA ALA D 162 -7.52 25.71 19.10
C ALA D 162 -7.60 26.39 20.47
N GLU D 163 -8.64 26.03 21.23
CA GLU D 163 -8.86 26.62 22.55
C GLU D 163 -7.79 26.21 23.55
N ARG D 164 -7.31 24.97 23.45
CA ARG D 164 -6.19 24.54 24.27
C ARG D 164 -4.92 25.32 23.91
N LEU D 165 -4.63 25.46 22.61
CA LEU D 165 -3.50 26.25 22.17
C LEU D 165 -3.63 27.69 22.67
N GLU D 166 -4.85 28.21 22.60
CA GLU D 166 -5.12 29.58 23.04
C GLU D 166 -4.79 29.71 24.53
N LYS D 167 -5.34 28.81 25.33
CA LYS D 167 -5.15 28.85 26.78
C LYS D 167 -3.68 28.80 27.14
N ALA D 168 -2.92 27.98 26.43
CA ALA D 168 -1.51 27.77 26.71
C ALA D 168 -0.64 28.92 26.22
N GLY D 169 -1.23 29.92 25.57
CA GLY D 169 -0.46 31.09 25.18
C GLY D 169 0.14 31.13 23.77
N ILE D 170 -0.38 30.27 22.88
CA ILE D 170 0.01 30.32 21.47
C ILE D 170 -0.21 31.73 20.93
N LYS D 171 0.57 32.16 19.95
CA LYS D 171 0.37 33.51 19.41
C LYS D 171 -0.41 33.50 18.10
N GLY D 172 -0.51 32.35 17.46
CA GLY D 172 -1.24 32.28 16.20
C GLY D 172 -1.39 30.84 15.78
N ILE D 173 -2.31 30.60 14.86
CA ILE D 173 -2.66 29.24 14.49
C ILE D 173 -2.74 29.11 12.99
N LEU D 174 -2.08 28.09 12.45
CA LEU D 174 -2.29 27.65 11.08
C LEU D 174 -3.21 26.42 11.11
N ASN D 175 -4.37 26.51 10.46
CA ASN D 175 -5.40 25.49 10.58
C ASN D 175 -5.64 24.73 9.29
N PHE D 176 -5.47 23.41 9.32
CA PHE D 176 -5.74 22.60 8.13
C PHE D 176 -7.08 21.92 8.16
N ALA D 177 -7.77 22.00 9.29
CA ALA D 177 -9.07 21.34 9.40
C ALA D 177 -10.12 22.14 8.67
N PRO D 178 -11.05 21.44 7.98
CA PRO D 178 -12.08 22.13 7.20
C PRO D 178 -13.22 22.69 8.06
N VAL D 179 -12.93 23.75 8.82
CA VAL D 179 -13.85 24.34 9.78
C VAL D 179 -13.33 25.70 10.21
N LYS D 180 -14.24 26.65 10.41
CA LYS D 180 -13.89 27.99 10.88
C LYS D 180 -13.61 27.91 12.36
N ILE D 181 -12.47 28.47 12.75
CA ILE D 181 -12.01 28.41 14.13
C ILE D 181 -12.26 29.76 14.79
N LYS D 182 -12.74 29.74 16.04
CA LYS D 182 -13.07 30.96 16.77
C LYS D 182 -12.24 31.16 18.04
N VAL D 183 -11.21 31.99 17.95
CA VAL D 183 -10.27 32.18 19.05
C VAL D 183 -9.75 33.60 19.00
N SER D 184 -9.02 34.01 20.02
CA SER D 184 -8.57 35.40 20.14
C SER D 184 -7.28 35.65 19.40
N VAL D 185 -6.61 34.59 18.98
CA VAL D 185 -5.36 34.75 18.27
C VAL D 185 -5.62 34.67 16.77
N PRO D 186 -4.72 35.26 15.96
CA PRO D 186 -4.86 35.19 14.51
C PRO D 186 -4.88 33.75 14.01
N VAL D 187 -5.72 33.47 13.03
CA VAL D 187 -5.81 32.16 12.40
C VAL D 187 -5.68 32.28 10.89
N GLU D 188 -4.81 31.45 10.30
CA GLU D 188 -4.80 31.26 8.84
C GLU D 188 -5.25 29.84 8.56
N ASN D 189 -6.17 29.71 7.61
CA ASN D 189 -6.67 28.42 7.18
C ASN D 189 -6.12 27.94 5.84
N ILE D 190 -5.89 26.64 5.73
CA ILE D 190 -5.53 26.04 4.47
C ILE D 190 -6.53 24.92 4.27
N ASP D 191 -7.31 25.02 3.20
CA ASP D 191 -8.32 24.02 2.93
C ASP D 191 -8.11 23.50 1.52
N ILE D 192 -7.48 22.34 1.38
CA ILE D 192 -7.16 21.81 0.06
C ILE D 192 -8.43 21.56 -0.78
N THR D 193 -9.47 21.03 -0.15
CA THR D 193 -10.72 20.80 -0.88
C THR D 193 -11.34 22.11 -1.35
N ALA D 194 -11.32 23.13 -0.51
CA ALA D 194 -11.89 24.42 -0.86
C ALA D 194 -11.13 25.03 -2.03
N SER D 195 -9.81 24.91 -2.01
CA SER D 195 -8.98 25.30 -3.15
C SER D 195 -9.36 24.54 -4.42
N LEU D 196 -9.61 23.25 -4.31
CA LEU D 196 -9.95 22.46 -5.49
C LEU D 196 -11.33 22.88 -6.04
N ARG D 197 -12.25 23.24 -5.15
CA ARG D 197 -13.59 23.73 -5.55
C ARG D 197 -13.49 25.04 -6.30
N VAL D 198 -12.70 25.96 -5.77
CA VAL D 198 -12.43 27.22 -6.46
C VAL D 198 -11.84 26.94 -7.84
N LEU D 199 -11.01 25.89 -7.93
CA LEU D 199 -10.40 25.53 -9.21
C LEU D 199 -11.43 24.95 -10.17
N THR D 200 -12.22 23.99 -9.71
CA THR D 200 -13.20 23.34 -10.57
C THR D 200 -14.33 24.28 -11.00
N PHE D 201 -14.67 25.26 -10.16
CA PHE D 201 -15.69 26.22 -10.55
C PHE D 201 -15.15 27.12 -11.65
N GLU D 202 -13.84 27.37 -11.63
CA GLU D 202 -13.22 28.19 -12.66
C GLU D 202 -13.00 27.38 -13.94
N ILE D 203 -12.68 26.09 -13.79
CA ILE D 203 -12.54 25.19 -14.94
C ILE D 203 -13.84 25.10 -15.73
N VAL D 204 -14.94 24.90 -15.01
CA VAL D 204 -16.27 24.79 -15.60
C VAL D 204 -16.67 26.07 -16.32
N ARG D 205 -16.36 27.21 -15.72
CA ARG D 205 -16.68 28.51 -16.31
C ARG D 205 -15.88 28.79 -17.59
N ARG D 206 -14.87 27.96 -17.86
CA ARG D 206 -14.08 28.10 -19.09
C ARG D 206 -14.75 27.38 -20.26
C1 GOL E . -0.33 -28.14 10.27
O1 GOL E . 0.31 -26.97 10.72
C2 GOL E . -0.98 -27.87 8.92
O2 GOL E . -0.13 -27.07 8.12
C3 GOL E . -1.36 -29.17 8.22
O3 GOL E . -0.23 -29.81 7.66
C1 GOL F . -6.08 -24.09 -1.60
O1 GOL F . -6.73 -23.99 -2.86
C2 GOL F . -7.11 -24.22 -0.48
O2 GOL F . -8.19 -25.02 -0.92
C3 GOL F . -6.47 -24.86 0.75
O3 GOL F . -6.95 -24.21 1.91
C1 GOL G . 6.59 20.23 -2.57
O1 GOL G . 5.86 20.85 -3.60
C2 GOL G . 7.67 21.19 -2.08
O2 GOL G . 8.89 20.93 -2.75
C3 GOL G . 7.20 22.60 -2.43
O3 GOL G . 5.93 22.81 -1.86
C1 GOL H . -6.53 18.17 8.99
O1 GOL H . -5.24 17.64 8.88
C2 GOL H . -7.31 17.64 7.79
O2 GOL H . -7.71 18.70 6.95
C3 GOL H . -8.51 16.83 8.28
O3 GOL H . -8.03 15.78 9.11
#